data_5CBG
#
_entry.id   5CBG
#
_cell.length_a   115.573
_cell.length_b   115.573
_cell.length_c   127.487
_cell.angle_alpha   90.00
_cell.angle_beta   90.00
_cell.angle_gamma   90.00
#
_symmetry.space_group_name_H-M   'I 4'
#
loop_
_entity.id
_entity.type
_entity.pdbx_description
1 polymer 'Ion transport 2 domain protein'
2 non-polymer 'CALCIUM ION'
3 non-polymer DECYL-BETA-D-MALTOPYRANOSIDE
4 water water
#
_entity_poly.entity_id   1
_entity_poly.type   'polypeptide(L)'
_entity_poly.pdbx_seq_one_letter_code
;MLGLTLMFKRFFGAVRTSWRDPSTRGAVLSLAIIVTAATIFYTLAEKWSVIDSLFYAVSVGLPMGNGPLSPTLTLSKIFT
LVYAILVVGLFVTVGGSLASAIVQNNTEKFKRLNRKGSAEAEDHHHHHH
;
_entity_poly.pdbx_strand_id   A,B,C,D,E,F
#
loop_
_chem_comp.id
_chem_comp.type
_chem_comp.name
_chem_comp.formula
CA non-polymer 'CALCIUM ION' 'Ca 2'
DMU D-saccharide DECYL-BETA-D-MALTOPYRANOSIDE 'C22 H42 O11'
#
# COMPACT_ATOMS: atom_id res chain seq x y z
N THR A 5 0.59 25.24 -10.19
CA THR A 5 1.42 24.59 -11.27
C THR A 5 1.06 23.12 -11.48
N LEU A 6 -0.02 22.68 -10.82
CA LEU A 6 -0.61 21.37 -11.06
C LEU A 6 -1.29 21.39 -12.42
N MET A 7 -1.52 22.61 -12.92
CA MET A 7 -2.15 22.92 -14.20
C MET A 7 -1.68 22.07 -15.38
N PHE A 8 -0.36 22.00 -15.59
CA PHE A 8 0.32 21.12 -16.56
C PHE A 8 -0.19 19.70 -16.58
N LYS A 9 -0.46 19.15 -15.39
CA LYS A 9 -0.91 17.77 -15.20
C LYS A 9 -2.39 17.61 -15.42
N ARG A 10 -3.21 18.44 -14.76
CA ARG A 10 -4.64 18.40 -14.97
C ARG A 10 -4.97 18.71 -16.43
N PHE A 11 -4.31 19.72 -17.02
CA PHE A 11 -4.59 20.14 -18.41
C PHE A 11 -3.95 19.31 -19.55
N PHE A 12 -2.65 19.03 -19.46
CA PHE A 12 -2.01 17.97 -20.29
C PHE A 12 -2.09 16.58 -19.59
N GLY A 13 -3.30 16.16 -19.22
CA GLY A 13 -3.48 14.94 -18.46
C GLY A 13 -4.90 14.41 -18.44
N ALA A 14 -5.52 14.43 -17.26
CA ALA A 14 -6.87 13.85 -17.06
C ALA A 14 -8.01 14.55 -17.84
N VAL A 15 -7.67 15.60 -18.61
CA VAL A 15 -8.63 16.29 -19.48
C VAL A 15 -8.28 16.20 -20.97
N ARG A 16 -6.98 16.29 -21.28
CA ARG A 16 -6.45 16.27 -22.65
C ARG A 16 -6.56 14.88 -23.27
N THR A 17 -5.86 13.92 -22.67
CA THR A 17 -5.83 12.52 -23.10
C THR A 17 -7.06 11.71 -22.67
N SER A 18 -7.97 12.35 -21.92
CA SER A 18 -9.28 11.80 -21.62
C SER A 18 -10.20 11.91 -22.84
N TRP A 19 -9.90 12.83 -23.75
CA TRP A 19 -10.67 12.91 -25.02
C TRP A 19 -9.95 12.22 -26.18
N ARG A 20 -9.92 10.91 -26.06
CA ARG A 20 -9.61 9.98 -27.12
C ARG A 20 -10.55 8.83 -26.82
N ASP A 21 -11.56 8.64 -27.67
CA ASP A 21 -12.62 7.63 -27.42
C ASP A 21 -12.74 6.56 -28.53
N PRO A 22 -12.64 5.26 -28.14
CA PRO A 22 -13.31 4.19 -28.87
C PRO A 22 -14.73 4.03 -28.30
N SER A 23 -15.35 2.88 -28.55
CA SER A 23 -16.56 2.54 -27.83
C SER A 23 -16.22 2.04 -26.42
N THR A 24 -15.01 1.49 -26.23
CA THR A 24 -14.61 0.88 -24.95
C THR A 24 -13.92 1.80 -23.89
N ARG A 25 -13.89 3.10 -24.14
CA ARG A 25 -13.61 4.08 -23.06
C ARG A 25 -14.90 4.74 -22.58
N GLY A 26 -15.96 3.92 -22.52
CA GLY A 26 -17.13 4.21 -21.72
C GLY A 26 -16.91 3.54 -20.39
N ALA A 27 -15.71 2.96 -20.22
CA ALA A 27 -15.21 2.50 -18.93
C ALA A 27 -15.05 3.65 -17.92
N VAL A 28 -14.60 4.78 -18.45
CA VAL A 28 -14.44 6.07 -17.76
C VAL A 28 -15.80 6.53 -17.24
N LEU A 29 -16.84 6.31 -18.05
CA LEU A 29 -18.21 6.55 -17.62
C LEU A 29 -18.59 5.64 -16.47
N SER A 30 -18.31 4.35 -16.61
CA SER A 30 -18.58 3.37 -15.57
C SER A 30 -17.81 3.70 -14.31
N LEU A 31 -16.57 4.17 -14.48
CA LEU A 31 -15.69 4.49 -13.37
C LEU A 31 -16.24 5.64 -12.56
N ALA A 32 -16.62 6.72 -13.25
CA ALA A 32 -16.92 7.97 -12.56
C ALA A 32 -18.10 7.78 -11.60
N ILE A 33 -19.09 6.97 -12.00
CA ILE A 33 -20.23 6.58 -11.13
C ILE A 33 -19.74 5.79 -9.90
N ILE A 34 -18.84 4.83 -10.13
CA ILE A 34 -18.31 3.94 -9.08
C ILE A 34 -17.36 4.66 -8.09
N VAL A 35 -16.42 5.49 -8.57
CA VAL A 35 -15.64 6.44 -7.72
C VAL A 35 -16.53 7.41 -6.92
N THR A 36 -17.51 8.01 -7.59
CA THR A 36 -18.48 8.88 -6.97
C THR A 36 -19.36 8.14 -5.96
N ALA A 37 -19.91 6.99 -6.35
CA ALA A 37 -20.72 6.18 -5.43
C ALA A 37 -19.99 5.91 -4.12
N ALA A 38 -18.73 5.48 -4.25
CA ALA A 38 -17.81 5.26 -3.14
C ALA A 38 -17.58 6.53 -2.27
N THR A 39 -17.41 7.67 -2.93
CA THR A 39 -17.11 8.95 -2.27
C THR A 39 -18.27 9.45 -1.41
N ILE A 40 -19.50 9.26 -1.88
CA ILE A 40 -20.72 9.59 -1.11
C ILE A 40 -20.76 8.74 0.18
N PHE A 41 -20.62 7.42 0.02
CA PHE A 41 -20.54 6.47 1.13
C PHE A 41 -19.45 6.80 2.15
N TYR A 42 -18.23 7.06 1.68
CA TYR A 42 -17.09 7.38 2.57
C TYR A 42 -17.26 8.68 3.35
N THR A 43 -17.84 9.68 2.71
CA THR A 43 -18.18 10.96 3.35
C THR A 43 -19.22 10.72 4.43
N LEU A 44 -20.28 10.00 4.08
CA LEU A 44 -21.42 9.79 4.98
C LEU A 44 -21.17 8.75 6.10
N ALA A 45 -20.70 7.57 5.73
CA ALA A 45 -20.42 6.51 6.68
C ALA A 45 -19.13 6.71 7.51
N GLU A 46 -18.01 6.94 6.81
CA GLU A 46 -16.67 7.16 7.42
C GLU A 46 -16.44 8.58 7.94
N LYS A 47 -17.34 9.51 7.61
CA LYS A 47 -17.41 10.83 8.22
C LYS A 47 -16.40 11.79 7.58
N TRP A 48 -15.53 11.27 6.72
CA TRP A 48 -14.38 12.00 6.18
C TRP A 48 -14.76 13.11 5.21
N SER A 49 -13.80 14.00 4.92
CA SER A 49 -14.00 15.11 4.00
C SER A 49 -13.92 14.66 2.56
N VAL A 50 -14.66 15.36 1.68
CA VAL A 50 -14.81 15.02 0.26
C VAL A 50 -13.49 14.57 -0.42
N ILE A 51 -12.46 15.39 -0.28
CA ILE A 51 -11.12 15.19 -0.86
C ILE A 51 -10.51 13.89 -0.39
N ASP A 52 -10.44 13.73 0.94
CA ASP A 52 -10.01 12.50 1.58
C ASP A 52 -10.94 11.32 1.34
N SER A 53 -12.24 11.58 1.25
CA SER A 53 -13.21 10.56 0.90
C SER A 53 -12.98 10.04 -0.52
N LEU A 54 -12.66 10.96 -1.45
CA LEU A 54 -12.28 10.58 -2.82
C LEU A 54 -10.90 9.92 -2.84
N PHE A 55 -9.95 10.46 -2.07
CA PHE A 55 -8.61 9.88 -1.97
C PHE A 55 -8.62 8.39 -1.65
N TYR A 56 -9.50 7.96 -0.75
CA TYR A 56 -9.68 6.52 -0.46
C TYR A 56 -10.42 5.74 -1.56
N ALA A 57 -11.39 6.38 -2.23
CA ALA A 57 -12.09 5.74 -3.34
C ALA A 57 -11.14 5.38 -4.47
N VAL A 58 -10.32 6.34 -4.91
CA VAL A 58 -9.30 6.11 -5.96
C VAL A 58 -8.18 5.15 -5.53
N SER A 59 -7.88 5.09 -4.23
CA SER A 59 -6.79 4.25 -3.70
C SER A 59 -6.99 2.73 -3.82
N VAL A 60 -8.23 2.24 -3.87
CA VAL A 60 -8.51 0.78 -3.79
C VAL A 60 -8.52 0.02 -5.15
N GLY A 61 -8.08 0.69 -6.20
CA GLY A 61 -7.84 0.04 -7.47
C GLY A 61 -6.49 0.45 -8.02
N LEU A 62 -5.88 1.46 -7.41
CA LEU A 62 -4.61 2.02 -7.89
C LEU A 62 -3.46 1.89 -6.87
N PRO A 63 -2.22 1.71 -7.36
CA PRO A 63 -1.07 1.64 -6.47
C PRO A 63 -0.64 2.99 -5.80
N MET A 64 -1.57 3.93 -5.69
CA MET A 64 -1.35 5.23 -5.06
C MET A 64 -0.94 5.09 -3.58
N GLY A 65 -1.86 4.51 -2.80
CA GLY A 65 -1.67 4.27 -1.37
C GLY A 65 -2.53 5.18 -0.55
N ASN A 66 -3.50 4.54 0.11
CA ASN A 66 -4.45 5.17 1.05
C ASN A 66 -3.78 5.74 2.26
N GLY A 67 -4.24 6.94 2.66
CA GLY A 67 -3.52 7.81 3.62
C GLY A 67 -3.20 7.21 4.99
N PRO A 68 -3.47 7.99 6.05
CA PRO A 68 -3.80 7.37 7.33
C PRO A 68 -5.11 6.62 7.13
N LEU A 69 -5.82 6.96 6.06
CA LEU A 69 -7.17 6.53 5.79
C LEU A 69 -7.24 5.07 5.59
N SER A 70 -8.06 4.46 6.44
CA SER A 70 -8.55 3.10 6.30
C SER A 70 -9.89 3.14 6.94
N PRO A 71 -10.84 2.33 6.46
CA PRO A 71 -12.15 2.05 7.11
C PRO A 71 -12.01 1.57 8.54
N THR A 72 -12.79 2.18 9.45
CA THR A 72 -12.76 1.88 10.89
C THR A 72 -14.00 1.12 11.30
N LEU A 73 -15.02 1.17 10.47
CA LEU A 73 -16.30 0.58 10.77
C LEU A 73 -16.49 -0.67 9.87
N THR A 74 -17.42 -1.57 10.26
CA THR A 74 -17.64 -2.84 9.56
C THR A 74 -18.21 -2.67 8.16
N LEU A 75 -19.19 -1.79 8.03
CA LEU A 75 -19.83 -1.54 6.73
C LEU A 75 -18.81 -0.98 5.76
N SER A 76 -18.02 -0.03 6.24
CA SER A 76 -16.95 0.58 5.47
C SER A 76 -15.79 -0.40 5.19
N LYS A 77 -15.60 -1.38 6.07
CA LYS A 77 -14.74 -2.54 5.79
C LYS A 77 -15.31 -3.53 4.72
N ILE A 78 -16.54 -4.04 4.95
CA ILE A 78 -17.31 -4.85 3.96
C ILE A 78 -17.37 -4.16 2.58
N PHE A 79 -17.94 -2.95 2.53
CA PHE A 79 -18.11 -2.19 1.29
C PHE A 79 -16.82 -2.00 0.49
N THR A 80 -15.72 -1.75 1.19
CA THR A 80 -14.42 -1.52 0.57
C THR A 80 -13.97 -2.70 -0.26
N LEU A 81 -14.27 -3.92 0.19
CA LEU A 81 -14.01 -5.12 -0.59
C LEU A 81 -14.93 -5.18 -1.86
N VAL A 82 -16.24 -5.15 -1.67
CA VAL A 82 -17.22 -5.26 -2.78
C VAL A 82 -16.92 -4.23 -3.89
N TYR A 83 -16.66 -2.99 -3.48
CA TYR A 83 -16.28 -1.91 -4.36
C TYR A 83 -14.94 -2.21 -5.00
N ALA A 84 -13.98 -2.68 -4.20
CA ALA A 84 -12.60 -2.86 -4.65
C ALA A 84 -12.40 -3.96 -5.70
N ILE A 85 -13.20 -5.02 -5.59
CA ILE A 85 -13.21 -6.13 -6.56
C ILE A 85 -13.71 -5.69 -7.94
N LEU A 86 -14.65 -4.76 -7.95
CA LEU A 86 -15.25 -4.33 -9.18
C LEU A 86 -14.42 -3.27 -9.88
N VAL A 87 -14.01 -2.26 -9.12
CA VAL A 87 -13.30 -1.09 -9.64
C VAL A 87 -11.89 -1.37 -10.16
N VAL A 88 -11.21 -2.34 -9.55
CA VAL A 88 -9.80 -2.60 -9.82
C VAL A 88 -9.60 -2.84 -11.32
N GLY A 89 -10.58 -3.52 -11.93
CA GLY A 89 -10.60 -3.73 -13.36
C GLY A 89 -10.86 -2.44 -14.11
N LEU A 90 -11.94 -1.74 -13.71
CA LEU A 90 -12.30 -0.46 -14.33
C LEU A 90 -11.18 0.56 -14.27
N PHE A 91 -10.39 0.54 -13.20
CA PHE A 91 -9.26 1.44 -13.08
C PHE A 91 -8.16 1.12 -14.08
N VAL A 92 -7.93 -0.18 -14.33
CA VAL A 92 -6.76 -0.66 -15.12
C VAL A 92 -6.83 -0.36 -16.63
N THR A 93 -7.96 -0.72 -17.25
CA THR A 93 -8.16 -0.54 -18.71
C THR A 93 -8.19 0.94 -19.09
N VAL A 94 -8.78 1.76 -18.21
CA VAL A 94 -8.76 3.23 -18.28
C VAL A 94 -7.32 3.75 -18.18
N GLY A 95 -6.59 3.24 -17.19
CA GLY A 95 -5.21 3.66 -16.92
C GLY A 95 -4.27 3.34 -18.05
N GLY A 96 -4.53 2.22 -18.71
CA GLY A 96 -3.77 1.80 -19.89
C GLY A 96 -4.13 2.63 -21.09
N SER A 97 -5.41 2.94 -21.25
CA SER A 97 -5.92 3.75 -22.36
C SER A 97 -5.33 5.15 -22.39
N LEU A 98 -5.35 5.80 -21.24
CA LEU A 98 -4.75 7.12 -21.04
C LEU A 98 -3.23 7.13 -21.29
N ALA A 99 -2.53 6.15 -20.73
CA ALA A 99 -1.10 5.96 -20.97
C ALA A 99 -0.77 5.75 -22.43
N SER A 100 -1.55 4.86 -23.05
CA SER A 100 -1.50 4.61 -24.48
C SER A 100 -1.60 5.93 -25.22
N ALA A 101 -2.49 6.82 -24.72
CA ALA A 101 -2.77 8.10 -25.37
C ALA A 101 -1.71 9.18 -25.16
N ILE A 102 -0.85 9.04 -24.14
CA ILE A 102 0.27 9.98 -23.93
C ILE A 102 1.38 9.75 -24.98
N VAL A 103 1.64 8.48 -25.29
CA VAL A 103 2.74 8.08 -26.20
C VAL A 103 2.55 8.53 -27.65
N GLN A 104 1.36 8.29 -28.20
CA GLN A 104 1.00 8.86 -29.50
C GLN A 104 0.62 10.36 -29.42
N ASN A 105 0.96 11.02 -28.32
CA ASN A 105 0.78 12.47 -28.13
C ASN A 105 2.06 13.33 -28.19
N ASN A 106 3.05 12.88 -28.97
CA ASN A 106 4.36 13.57 -29.10
C ASN A 106 5.26 12.93 -30.15
N THR B 5 26.01 -0.97 -1.92
CA THR B 5 26.15 -2.22 -2.72
C THR B 5 25.02 -2.39 -3.78
N LEU B 6 24.40 -1.27 -4.15
CA LEU B 6 23.45 -1.23 -5.28
C LEU B 6 24.10 -1.17 -6.66
N MET B 7 25.40 -0.82 -6.71
CA MET B 7 26.19 -0.73 -7.96
C MET B 7 25.99 -1.94 -8.90
N PHE B 8 25.66 -3.09 -8.30
CA PHE B 8 25.21 -4.28 -9.02
C PHE B 8 23.92 -4.03 -9.84
N LYS B 9 22.85 -3.58 -9.18
CA LYS B 9 21.51 -3.48 -9.79
C LYS B 9 21.41 -2.36 -10.83
N ARG B 10 21.78 -1.16 -10.41
CA ARG B 10 21.78 0.05 -11.24
C ARG B 10 22.47 -0.14 -12.61
N PHE B 11 23.65 -0.78 -12.63
CA PHE B 11 24.34 -1.13 -13.88
C PHE B 11 23.78 -2.43 -14.52
N PHE B 12 23.55 -3.46 -13.71
CA PHE B 12 22.99 -4.74 -14.19
C PHE B 12 21.44 -4.72 -14.12
N GLY B 13 20.84 -3.54 -14.29
CA GLY B 13 19.38 -3.40 -14.30
C GLY B 13 18.82 -2.13 -14.93
N ALA B 14 18.61 -1.10 -14.11
CA ALA B 14 18.01 0.17 -14.55
C ALA B 14 18.69 0.84 -15.75
N VAL B 15 20.02 0.74 -15.87
CA VAL B 15 20.75 1.21 -17.07
C VAL B 15 21.16 0.02 -17.98
N ARG B 16 20.85 -1.21 -17.56
CA ARG B 16 21.07 -2.37 -18.43
C ARG B 16 19.94 -2.53 -19.45
N THR B 17 18.74 -2.81 -18.93
CA THR B 17 17.60 -3.31 -19.71
C THR B 17 16.85 -2.25 -20.55
N SER B 18 17.15 -0.99 -20.28
CA SER B 18 16.69 0.12 -21.07
C SER B 18 17.38 0.20 -22.43
N TRP B 19 18.67 -0.18 -22.49
CA TRP B 19 19.50 -0.20 -23.72
C TRP B 19 19.05 -1.34 -24.67
N ARG B 20 17.76 -1.27 -25.05
CA ARG B 20 16.97 -2.26 -25.78
C ARG B 20 15.77 -1.37 -26.05
N ASP B 21 15.39 -1.20 -27.32
CA ASP B 21 14.41 -0.17 -27.71
C ASP B 21 13.50 -0.60 -28.91
N PRO B 22 12.15 -0.45 -28.77
CA PRO B 22 11.27 -0.50 -29.93
C PRO B 22 10.72 0.89 -30.27
N SER B 23 9.50 0.88 -30.76
CA SER B 23 8.70 2.05 -30.88
C SER B 23 8.08 2.43 -29.53
N THR B 24 7.47 1.46 -28.83
CA THR B 24 6.61 1.74 -27.63
C THR B 24 7.35 2.12 -26.35
N ARG B 25 8.59 1.67 -26.19
CA ARG B 25 9.45 2.22 -25.14
C ARG B 25 9.94 3.61 -25.60
N GLY B 26 9.04 4.42 -26.15
CA GLY B 26 9.14 5.86 -26.07
C GLY B 26 8.34 6.17 -24.82
N ALA B 27 7.64 5.15 -24.28
CA ALA B 27 6.89 5.20 -23.00
C ALA B 27 7.72 5.54 -21.77
N VAL B 28 9.02 5.20 -21.82
CA VAL B 28 10.01 5.54 -20.79
C VAL B 28 10.16 7.06 -20.70
N LEU B 29 10.28 7.70 -21.87
CA LEU B 29 10.39 9.14 -22.00
C LEU B 29 9.22 9.89 -21.34
N SER B 30 7.99 9.45 -21.61
CA SER B 30 6.76 10.01 -21.02
C SER B 30 6.66 9.78 -19.50
N LEU B 31 7.11 8.61 -19.04
CA LEU B 31 7.11 8.28 -17.64
C LEU B 31 8.20 9.08 -16.95
N ALA B 32 9.36 9.19 -17.61
CA ALA B 32 10.47 10.01 -17.12
C ALA B 32 9.98 11.41 -16.84
N ILE B 33 9.37 12.02 -17.87
CA ILE B 33 8.84 13.38 -17.81
C ILE B 33 7.72 13.58 -16.75
N ILE B 34 6.82 12.60 -16.64
CA ILE B 34 5.73 12.58 -15.64
C ILE B 34 6.25 12.53 -14.17
N VAL B 35 7.20 11.63 -13.91
CA VAL B 35 7.87 11.47 -12.60
C VAL B 35 8.69 12.70 -12.18
N THR B 36 9.40 13.34 -13.10
CA THR B 36 10.24 14.52 -12.78
C THR B 36 9.39 15.73 -12.38
N ALA B 37 8.36 15.98 -13.20
CA ALA B 37 7.34 16.91 -12.85
C ALA B 37 6.82 16.63 -11.41
N ALA B 38 6.32 15.41 -11.19
CA ALA B 38 5.70 14.95 -9.94
C ALA B 38 6.56 15.18 -8.72
N THR B 39 7.83 14.80 -8.82
CA THR B 39 8.85 15.06 -7.83
C THR B 39 9.02 16.58 -7.56
N ILE B 40 9.08 17.41 -8.62
CA ILE B 40 9.25 18.87 -8.46
C ILE B 40 8.07 19.43 -7.67
N PHE B 41 6.87 18.99 -8.04
CA PHE B 41 5.67 19.34 -7.29
C PHE B 41 5.79 19.02 -5.79
N TYR B 42 6.11 17.77 -5.46
CA TYR B 42 6.24 17.34 -4.07
C TYR B 42 7.35 18.04 -3.29
N THR B 43 8.48 18.24 -3.92
CA THR B 43 9.55 19.00 -3.28
C THR B 43 9.11 20.44 -3.00
N LEU B 44 8.43 21.05 -3.99
CA LEU B 44 7.96 22.44 -3.88
C LEU B 44 6.68 22.56 -3.06
N ALA B 45 5.64 21.82 -3.44
CA ALA B 45 4.35 21.79 -2.74
C ALA B 45 4.41 21.19 -1.34
N GLU B 46 4.94 19.98 -1.27
CA GLU B 46 4.91 19.16 -0.07
C GLU B 46 6.12 19.30 0.81
N LYS B 47 7.07 20.14 0.40
CA LYS B 47 8.26 20.50 1.20
C LYS B 47 9.30 19.38 1.43
N TRP B 48 8.97 18.15 1.00
CA TRP B 48 9.82 16.97 1.18
C TRP B 48 11.10 17.07 0.36
N SER B 49 12.09 16.26 0.71
CA SER B 49 13.42 16.26 0.05
C SER B 49 13.31 15.61 -1.32
N VAL B 50 14.32 15.79 -2.18
CA VAL B 50 14.26 15.29 -3.60
C VAL B 50 14.02 13.76 -3.73
N ILE B 51 14.67 12.94 -2.90
CA ILE B 51 14.41 11.50 -2.94
C ILE B 51 13.06 11.13 -2.31
N ASP B 52 12.78 11.59 -1.08
CA ASP B 52 11.44 11.45 -0.44
C ASP B 52 10.29 11.82 -1.39
N SER B 53 10.48 12.91 -2.12
CA SER B 53 9.60 13.25 -3.22
C SER B 53 9.64 12.23 -4.36
N LEU B 54 10.84 11.80 -4.75
CA LEU B 54 11.02 10.90 -5.89
C LEU B 54 10.55 9.50 -5.55
N PHE B 55 10.68 9.16 -4.26
CA PHE B 55 10.12 7.91 -3.70
C PHE B 55 8.59 7.93 -3.77
N TYR B 56 7.94 8.94 -3.22
CA TYR B 56 6.50 9.01 -3.33
C TYR B 56 6.01 8.96 -4.77
N ALA B 57 6.79 9.49 -5.69
CA ALA B 57 6.35 9.58 -7.08
C ALA B 57 6.16 8.18 -7.62
N VAL B 58 7.12 7.34 -7.28
CA VAL B 58 7.25 6.02 -7.86
C VAL B 58 6.32 5.11 -7.05
N SER B 59 6.12 5.49 -5.78
CA SER B 59 5.17 4.82 -4.91
C SER B 59 3.76 4.66 -5.49
N VAL B 60 3.25 5.73 -6.12
CA VAL B 60 1.85 5.84 -6.53
C VAL B 60 1.42 5.06 -7.76
N GLY B 61 2.36 4.50 -8.51
CA GLY B 61 2.00 3.80 -9.76
C GLY B 61 2.42 2.36 -9.82
N LEU B 62 3.32 1.99 -8.93
CA LEU B 62 3.79 0.62 -8.73
C LEU B 62 3.30 0.13 -7.37
N PRO B 63 3.36 -1.19 -7.09
CA PRO B 63 2.81 -1.62 -5.78
C PRO B 63 3.67 -1.30 -4.53
N MET B 64 4.97 -1.06 -4.77
CA MET B 64 5.99 -1.00 -3.72
C MET B 64 5.54 -0.50 -2.33
N GLY B 65 4.87 0.66 -2.34
CA GLY B 65 4.34 1.24 -1.14
C GLY B 65 5.21 2.36 -0.61
N ASN B 66 4.52 3.44 -0.22
CA ASN B 66 5.05 4.56 0.56
C ASN B 66 4.92 4.23 2.04
N GLY B 67 6.03 4.32 2.76
CA GLY B 67 6.00 4.10 4.18
C GLY B 67 5.33 5.30 4.81
N PRO B 68 6.15 6.26 5.33
CA PRO B 68 5.58 7.30 6.18
C PRO B 68 4.77 8.31 5.39
N LEU B 69 5.17 8.55 4.16
CA LEU B 69 4.79 9.75 3.43
C LEU B 69 3.45 9.57 2.79
N SER B 70 2.62 10.60 2.89
CA SER B 70 1.32 10.63 2.26
C SER B 70 1.08 12.11 2.11
N PRO B 71 0.39 12.55 1.03
CA PRO B 71 0.23 14.01 0.89
C PRO B 71 -0.77 14.60 1.92
N THR B 72 -0.38 15.74 2.51
CA THR B 72 -1.12 16.38 3.61
C THR B 72 -1.97 17.60 3.19
N LEU B 73 -1.76 18.05 1.95
CA LEU B 73 -2.44 19.20 1.41
C LEU B 73 -3.50 18.73 0.43
N THR B 74 -4.63 19.43 0.42
CA THR B 74 -5.72 19.23 -0.55
C THR B 74 -5.22 19.40 -1.97
N LEU B 75 -4.31 20.35 -2.17
CA LEU B 75 -3.76 20.59 -3.49
C LEU B 75 -2.85 19.45 -3.92
N SER B 76 -1.98 18.96 -3.04
CA SER B 76 -1.12 17.83 -3.42
C SER B 76 -1.88 16.53 -3.48
N LYS B 77 -2.95 16.43 -2.68
CA LYS B 77 -3.88 15.32 -2.68
C LYS B 77 -4.55 15.13 -4.05
N ILE B 78 -5.08 16.21 -4.64
CA ILE B 78 -5.63 16.14 -6.00
C ILE B 78 -4.53 15.92 -7.03
N PHE B 79 -3.33 16.43 -6.77
CA PHE B 79 -2.22 16.29 -7.72
C PHE B 79 -1.81 14.86 -7.89
N THR B 80 -1.83 14.13 -6.78
CA THR B 80 -1.59 12.72 -6.79
C THR B 80 -2.76 11.98 -7.47
N LEU B 81 -4.02 12.39 -7.22
CA LEU B 81 -5.19 11.78 -7.89
C LEU B 81 -5.14 11.88 -9.42
N VAL B 82 -4.76 13.05 -9.93
CA VAL B 82 -4.71 13.28 -11.36
C VAL B 82 -3.47 12.57 -11.92
N TYR B 83 -2.34 12.76 -11.21
CA TYR B 83 -1.07 12.24 -11.61
C TYR B 83 -1.05 10.74 -11.55
N ALA B 84 -1.75 10.17 -10.57
CA ALA B 84 -1.95 8.72 -10.41
C ALA B 84 -2.51 8.00 -11.62
N ILE B 85 -3.58 8.56 -12.20
CA ILE B 85 -4.28 7.93 -13.33
C ILE B 85 -3.50 7.91 -14.66
N LEU B 86 -2.81 9.01 -14.97
CA LEU B 86 -1.82 9.11 -16.05
C LEU B 86 -0.67 8.14 -15.97
N VAL B 87 0.06 8.17 -14.84
CA VAL B 87 1.34 7.48 -14.69
C VAL B 87 1.28 5.93 -14.61
N VAL B 88 0.23 5.41 -13.97
CA VAL B 88 0.01 3.97 -13.72
C VAL B 88 0.20 3.07 -14.96
N GLY B 89 -0.39 3.47 -16.09
CA GLY B 89 -0.34 2.71 -17.35
C GLY B 89 1.02 2.75 -18.01
N LEU B 90 1.68 3.90 -17.95
CA LEU B 90 3.07 4.04 -18.35
C LEU B 90 3.98 3.19 -17.48
N PHE B 91 3.71 3.12 -16.17
CA PHE B 91 4.44 2.21 -15.27
C PHE B 91 4.31 0.77 -15.67
N VAL B 92 3.09 0.34 -16.03
CA VAL B 92 2.81 -1.03 -16.50
C VAL B 92 3.70 -1.45 -17.67
N THR B 93 3.74 -0.61 -18.71
CA THR B 93 4.34 -1.01 -20.00
C THR B 93 5.86 -0.95 -19.95
N VAL B 94 6.40 0.06 -19.25
CA VAL B 94 7.84 0.18 -19.01
C VAL B 94 8.31 -0.94 -18.08
N GLY B 95 7.52 -1.24 -17.06
CA GLY B 95 7.79 -2.35 -16.13
C GLY B 95 7.64 -3.72 -16.73
N GLY B 96 6.74 -3.85 -17.70
CA GLY B 96 6.56 -5.11 -18.47
C GLY B 96 7.59 -5.38 -19.55
N SER B 97 7.88 -4.37 -20.39
CA SER B 97 8.99 -4.39 -21.37
C SER B 97 10.35 -4.60 -20.74
N LEU B 98 10.59 -3.93 -19.61
CA LEU B 98 11.85 -4.04 -18.90
C LEU B 98 12.04 -5.42 -18.24
N ALA B 99 10.94 -6.06 -17.80
CA ALA B 99 11.01 -7.43 -17.22
C ALA B 99 11.21 -8.54 -18.25
N SER B 100 10.56 -8.40 -19.41
CA SER B 100 10.77 -9.29 -20.56
C SER B 100 12.20 -9.23 -21.07
N ALA B 101 12.79 -8.04 -20.98
CA ALA B 101 14.18 -7.81 -21.33
C ALA B 101 15.21 -8.40 -20.33
N ILE B 102 14.78 -8.71 -19.11
CA ILE B 102 15.54 -9.58 -18.19
C ILE B 102 15.49 -11.03 -18.72
N VAL B 103 14.30 -11.50 -19.08
CA VAL B 103 14.07 -12.90 -19.48
C VAL B 103 14.81 -13.23 -20.80
N GLN B 104 14.86 -12.26 -21.69
CA GLN B 104 15.64 -12.37 -22.92
C GLN B 104 17.13 -12.01 -22.67
N ASN B 105 17.54 -11.96 -21.40
CA ASN B 105 18.95 -11.80 -21.00
C ASN B 105 19.48 -12.97 -20.15
N ASN B 106 18.83 -14.13 -20.24
CA ASN B 106 19.24 -15.33 -19.49
C ASN B 106 19.13 -16.62 -20.29
N THR C 5 10.71 33.51 -3.48
CA THR C 5 11.73 34.59 -3.72
C THR C 5 13.17 34.13 -3.46
N LEU C 6 13.37 32.79 -3.59
CA LEU C 6 14.70 32.20 -3.57
C LEU C 6 15.55 32.72 -4.74
N MET C 7 14.91 32.94 -5.89
CA MET C 7 15.61 33.31 -7.12
C MET C 7 16.34 34.66 -7.10
N PHE C 8 15.80 35.63 -6.36
CA PHE C 8 16.47 36.93 -6.13
C PHE C 8 17.75 36.78 -5.29
N LYS C 9 17.89 35.69 -4.54
CA LYS C 9 19.12 35.39 -3.78
C LYS C 9 20.16 34.60 -4.59
N ARG C 10 19.73 33.81 -5.56
CA ARG C 10 20.66 33.07 -6.43
C ARG C 10 21.23 33.88 -7.59
N PHE C 11 20.37 34.65 -8.28
CA PHE C 11 20.85 35.58 -9.31
C PHE C 11 21.49 36.81 -8.67
N PHE C 12 20.71 37.59 -7.89
CA PHE C 12 21.31 38.56 -6.97
C PHE C 12 21.92 37.76 -5.81
N GLY C 13 23.06 37.09 -6.08
CA GLY C 13 23.71 36.22 -5.10
C GLY C 13 24.90 35.40 -5.55
N ALA C 14 24.82 34.08 -5.32
CA ALA C 14 25.97 33.18 -5.54
C ALA C 14 26.45 33.21 -6.99
N VAL C 15 25.57 32.89 -7.95
CA VAL C 15 25.85 33.06 -9.40
C VAL C 15 26.53 34.41 -9.68
N ARG C 16 25.99 35.49 -9.09
CA ARG C 16 26.38 36.90 -9.37
C ARG C 16 27.82 37.26 -9.05
N THR C 17 28.33 36.67 -7.98
CA THR C 17 29.58 37.14 -7.39
C THR C 17 30.60 36.01 -7.23
N SER C 18 30.15 34.77 -7.50
CA SER C 18 31.01 33.59 -7.57
C SER C 18 32.17 33.88 -8.50
N TRP C 19 31.84 34.46 -9.65
CA TRP C 19 32.88 34.90 -10.53
C TRP C 19 33.00 36.44 -10.54
N ARG C 20 34.08 36.84 -9.87
CA ARG C 20 34.84 38.06 -10.11
C ARG C 20 36.21 37.60 -9.63
N ASP C 21 37.08 37.29 -10.59
CA ASP C 21 38.18 36.36 -10.34
C ASP C 21 39.60 36.88 -10.55
N PRO C 22 40.41 36.80 -9.48
CA PRO C 22 41.85 36.89 -9.61
C PRO C 22 42.39 35.47 -9.52
N SER C 23 43.47 35.31 -8.75
CA SER C 23 44.09 34.03 -8.53
C SER C 23 43.55 33.36 -7.26
N THR C 24 43.38 34.14 -6.19
CA THR C 24 43.13 33.62 -4.83
C THR C 24 41.77 32.96 -4.65
N ARG C 25 40.85 33.23 -5.58
CA ARG C 25 39.51 32.66 -5.56
C ARG C 25 39.46 31.13 -5.83
N GLY C 26 40.63 30.51 -5.90
CA GLY C 26 40.76 29.05 -6.02
C GLY C 26 40.33 28.31 -4.79
N ALA C 27 40.03 29.05 -3.72
CA ALA C 27 39.44 28.54 -2.50
C ALA C 27 38.06 27.87 -2.69
N VAL C 28 37.27 28.44 -3.61
CA VAL C 28 35.92 27.94 -3.93
C VAL C 28 35.92 26.49 -4.44
N LEU C 29 36.92 26.13 -5.25
CA LEU C 29 37.08 24.77 -5.77
C LEU C 29 37.39 23.77 -4.64
N SER C 30 38.34 24.14 -3.79
CA SER C 30 38.77 23.35 -2.61
C SER C 30 37.60 23.12 -1.67
N LEU C 31 36.75 24.14 -1.55
CA LEU C 31 35.51 24.06 -0.82
C LEU C 31 34.54 23.13 -1.57
N ALA C 32 34.40 23.33 -2.88
CA ALA C 32 33.42 22.61 -3.69
C ALA C 32 33.58 21.12 -3.51
N ILE C 33 34.81 20.65 -3.62
CA ILE C 33 35.16 19.22 -3.53
C ILE C 33 35.00 18.66 -2.11
N ILE C 34 35.48 19.39 -1.10
CA ILE C 34 35.41 18.98 0.32
C ILE C 34 33.96 19.00 0.83
N VAL C 35 33.19 20.02 0.46
CA VAL C 35 31.74 20.11 0.76
C VAL C 35 30.94 18.98 0.10
N THR C 36 31.23 18.67 -1.17
CA THR C 36 30.74 17.46 -1.85
C THR C 36 31.18 16.15 -1.18
N ALA C 37 32.48 16.03 -0.90
CA ALA C 37 33.04 14.87 -0.21
C ALA C 37 32.20 14.50 1.00
N ALA C 38 32.13 15.47 1.92
CA ALA C 38 31.32 15.44 3.13
C ALA C 38 29.83 15.13 2.90
N THR C 39 29.20 15.86 1.95
CA THR C 39 27.83 15.60 1.46
C THR C 39 27.57 14.14 1.06
N ILE C 40 28.49 13.52 0.27
CA ILE C 40 28.37 12.09 -0.06
C ILE C 40 28.47 11.27 1.22
N PHE C 41 29.43 11.64 2.07
CA PHE C 41 29.69 10.89 3.28
C PHE C 41 28.46 10.83 4.17
N TYR C 42 27.88 11.98 4.51
CA TYR C 42 26.70 12.01 5.41
C TYR C 42 25.49 11.27 4.85
N THR C 43 25.35 11.22 3.52
CA THR C 43 24.25 10.47 2.90
C THR C 43 24.48 8.96 3.06
N LEU C 44 25.71 8.54 2.78
CA LEU C 44 26.12 7.15 2.91
C LEU C 44 26.27 6.71 4.38
N ALA C 45 26.81 7.60 5.21
CA ALA C 45 27.03 7.35 6.63
C ALA C 45 25.76 7.52 7.47
N GLU C 46 25.23 8.75 7.45
CA GLU C 46 24.11 9.15 8.30
C GLU C 46 22.74 8.94 7.65
N LYS C 47 22.72 8.41 6.42
CA LYS C 47 21.50 7.91 5.77
C LYS C 47 20.46 9.00 5.44
N TRP C 48 20.83 10.22 5.77
CA TRP C 48 20.10 11.41 5.49
C TRP C 48 20.03 11.61 3.97
N SER C 49 19.03 12.36 3.50
CA SER C 49 18.94 12.80 2.13
C SER C 49 20.06 13.78 1.80
N VAL C 50 20.54 13.72 0.54
CA VAL C 50 21.56 14.65 -0.05
C VAL C 50 21.40 16.10 0.45
N ILE C 51 20.14 16.58 0.43
CA ILE C 51 19.73 17.92 0.86
C ILE C 51 20.16 18.19 2.29
N ASP C 52 19.67 17.35 3.20
CA ASP C 52 19.97 17.45 4.62
C ASP C 52 21.44 17.22 4.86
N SER C 53 22.02 16.29 4.09
CA SER C 53 23.45 16.02 4.08
C SER C 53 24.23 17.25 3.62
N LEU C 54 23.70 17.98 2.65
CA LEU C 54 24.31 19.24 2.25
C LEU C 54 24.08 20.32 3.30
N PHE C 55 22.88 20.34 3.88
CA PHE C 55 22.58 21.29 4.98
C PHE C 55 23.58 21.09 6.08
N TYR C 56 23.71 19.86 6.60
CA TYR C 56 24.64 19.60 7.69
C TYR C 56 26.14 19.74 7.34
N ALA C 57 26.55 19.31 6.14
CA ALA C 57 27.94 19.51 5.68
C ALA C 57 28.37 21.00 5.63
N VAL C 58 27.51 21.88 5.11
CA VAL C 58 27.85 23.31 5.12
C VAL C 58 27.69 23.97 6.51
N SER C 59 26.88 23.33 7.37
CA SER C 59 26.54 23.85 8.69
C SER C 59 27.68 23.81 9.68
N VAL C 60 28.61 22.88 9.47
CA VAL C 60 29.69 22.63 10.44
C VAL C 60 30.87 23.59 10.25
N GLY C 61 30.85 24.31 9.12
CA GLY C 61 31.82 25.37 8.84
C GLY C 61 31.26 26.78 8.93
N LEU C 62 29.95 26.89 9.14
CA LEU C 62 29.26 28.16 9.13
C LEU C 62 28.50 28.41 10.45
N PRO C 63 28.44 29.68 10.90
CA PRO C 63 27.59 29.99 12.08
C PRO C 63 26.10 29.66 11.88
N MET C 64 25.75 29.12 10.71
CA MET C 64 24.40 28.74 10.30
C MET C 64 23.45 28.03 11.27
N GLY C 65 23.88 26.88 11.77
CA GLY C 65 23.03 26.07 12.62
C GLY C 65 22.23 24.94 11.98
N ASN C 66 22.71 23.72 12.24
CA ASN C 66 21.96 22.48 12.04
C ASN C 66 20.66 22.49 12.81
N GLY C 67 19.63 22.01 12.15
CA GLY C 67 18.30 22.00 12.75
C GLY C 67 18.23 20.86 13.72
N PRO C 68 17.61 19.76 13.30
CA PRO C 68 17.62 18.62 14.17
C PRO C 68 18.76 17.69 13.79
N LEU C 69 19.45 18.03 12.69
CA LEU C 69 20.55 17.23 12.11
C LEU C 69 21.86 17.25 12.91
N SER C 70 22.34 16.07 13.27
CA SER C 70 23.61 15.90 13.98
C SER C 70 23.98 14.38 14.03
N PRO C 71 25.28 14.04 13.81
CA PRO C 71 25.71 12.64 13.68
C PRO C 71 25.43 11.76 14.88
N THR C 72 25.13 10.49 14.59
CA THR C 72 24.78 9.48 15.61
C THR C 72 25.76 8.31 15.62
N LEU C 73 26.58 8.24 14.60
CA LEU C 73 27.64 7.25 14.48
C LEU C 73 28.99 7.85 14.94
N THR C 74 29.88 6.99 15.42
CA THR C 74 31.24 7.35 15.82
C THR C 74 32.14 7.78 14.67
N LEU C 75 32.16 6.98 13.60
CA LEU C 75 32.85 7.33 12.37
C LEU C 75 32.45 8.74 11.92
N SER C 76 31.13 8.99 11.90
CA SER C 76 30.56 10.23 11.43
C SER C 76 30.85 11.35 12.38
N LYS C 77 30.86 11.01 13.67
CA LYS C 77 31.21 11.95 14.75
C LYS C 77 32.66 12.33 14.64
N ILE C 78 33.52 11.32 14.41
CA ILE C 78 34.93 11.50 14.03
C ILE C 78 35.03 12.39 12.78
N PHE C 79 34.44 11.92 11.68
CA PHE C 79 34.42 12.62 10.39
C PHE C 79 34.22 14.12 10.47
N THR C 80 33.25 14.54 11.26
CA THR C 80 32.88 15.94 11.41
C THR C 80 34.05 16.76 11.96
N LEU C 81 34.82 16.18 12.91
CA LEU C 81 35.95 16.89 13.53
C LEU C 81 37.11 17.08 12.55
N VAL C 82 37.40 16.02 11.79
CA VAL C 82 38.43 16.02 10.75
C VAL C 82 38.09 17.03 9.65
N TYR C 83 36.86 16.95 9.18
CA TYR C 83 36.30 17.81 8.18
C TYR C 83 36.24 19.27 8.63
N ALA C 84 35.76 19.49 9.86
CA ALA C 84 35.49 20.83 10.37
C ALA C 84 36.72 21.68 10.45
N ILE C 85 37.80 21.07 10.91
CA ILE C 85 39.06 21.77 11.14
C ILE C 85 39.71 22.25 9.82
N LEU C 86 39.58 21.44 8.77
CA LEU C 86 40.06 21.80 7.45
C LEU C 86 39.19 22.87 6.80
N VAL C 87 37.87 22.64 6.83
CA VAL C 87 36.90 23.44 6.07
C VAL C 87 36.70 24.84 6.60
N VAL C 88 36.84 25.02 7.91
CA VAL C 88 36.44 26.26 8.57
C VAL C 88 37.12 27.52 7.99
N GLY C 89 38.43 27.43 7.75
CA GLY C 89 39.21 28.54 7.19
C GLY C 89 38.82 28.87 5.76
N LEU C 90 38.48 27.82 5.01
CA LEU C 90 38.03 27.95 3.62
C LEU C 90 36.72 28.75 3.57
N PHE C 91 35.71 28.28 4.31
CA PHE C 91 34.41 28.95 4.42
C PHE C 91 34.53 30.44 4.74
N VAL C 92 35.54 30.82 5.53
CA VAL C 92 35.75 32.23 5.87
C VAL C 92 36.28 33.09 4.69
N THR C 93 37.36 32.65 4.02
CA THR C 93 37.91 33.39 2.85
C THR C 93 36.98 33.37 1.65
N VAL C 94 36.16 32.33 1.52
CA VAL C 94 35.14 32.23 0.47
C VAL C 94 33.95 33.17 0.73
N GLY C 95 33.37 33.09 1.92
CA GLY C 95 32.30 34.00 2.34
C GLY C 95 32.71 35.46 2.35
N GLY C 96 33.95 35.74 2.79
CA GLY C 96 34.52 37.09 2.85
C GLY C 96 34.72 37.75 1.49
N SER C 97 35.10 36.94 0.50
CA SER C 97 35.26 37.39 -0.88
C SER C 97 33.92 37.74 -1.56
N LEU C 98 32.92 36.89 -1.33
CA LEU C 98 31.52 37.15 -1.74
C LEU C 98 30.94 38.38 -1.09
N ALA C 99 31.21 38.56 0.20
CA ALA C 99 30.86 39.77 0.94
C ALA C 99 31.53 41.04 0.38
N SER C 100 32.84 40.93 0.07
CA SER C 100 33.60 41.98 -0.60
C SER C 100 33.01 42.33 -1.95
N ALA C 101 32.53 41.30 -2.65
CA ALA C 101 31.91 41.43 -3.96
C ALA C 101 30.46 41.97 -3.95
N ILE C 102 29.76 41.88 -2.82
CA ILE C 102 28.40 42.46 -2.70
C ILE C 102 28.45 44.01 -2.57
N VAL C 103 29.43 44.53 -1.82
CA VAL C 103 29.51 45.99 -1.55
C VAL C 103 30.13 46.80 -2.72
N GLN C 104 31.26 46.33 -3.27
CA GLN C 104 31.80 46.92 -4.51
C GLN C 104 30.94 46.60 -5.76
N ASN C 105 29.70 46.16 -5.52
CA ASN C 105 28.73 45.85 -6.56
C ASN C 105 27.53 46.78 -6.44
N ASN C 106 27.77 47.97 -5.89
CA ASN C 106 26.74 48.99 -5.70
C ASN C 106 27.21 50.29 -6.32
N THR D 5 -0.54 -24.93 9.86
CA THR D 5 -1.74 -24.91 8.94
C THR D 5 -1.53 -24.08 7.64
N LEU D 6 -0.31 -23.60 7.45
CA LEU D 6 0.11 -22.97 6.21
C LEU D 6 0.44 -24.03 5.18
N MET D 7 0.70 -25.26 5.66
CA MET D 7 1.12 -26.43 4.84
C MET D 7 0.27 -26.65 3.58
N PHE D 8 -1.03 -26.44 3.73
CA PHE D 8 -2.01 -26.56 2.65
C PHE D 8 -1.78 -25.52 1.54
N LYS D 9 -1.25 -24.35 1.89
CA LYS D 9 -0.94 -23.30 0.93
C LYS D 9 0.45 -23.51 0.38
N ARG D 10 1.39 -23.84 1.27
CA ARG D 10 2.80 -23.98 0.91
C ARG D 10 3.00 -25.13 -0.06
N PHE D 11 2.51 -26.32 0.30
CA PHE D 11 2.68 -27.51 -0.55
C PHE D 11 1.60 -27.67 -1.64
N PHE D 12 0.34 -27.36 -1.34
CA PHE D 12 -0.73 -27.36 -2.35
C PHE D 12 -0.83 -25.97 -2.99
N GLY D 13 0.31 -25.43 -3.41
CA GLY D 13 0.38 -24.09 -4.01
C GLY D 13 1.72 -23.64 -4.59
N ALA D 14 2.48 -22.86 -3.79
CA ALA D 14 3.72 -22.19 -4.26
C ALA D 14 4.96 -23.07 -4.56
N VAL D 15 4.78 -24.41 -4.42
CA VAL D 15 5.69 -25.43 -5.01
C VAL D 15 4.94 -26.42 -5.95
N ARG D 16 3.67 -26.71 -5.61
CA ARG D 16 2.83 -27.64 -6.36
C ARG D 16 2.48 -27.13 -7.75
N THR D 17 2.15 -25.85 -7.86
CA THR D 17 1.86 -25.23 -9.15
C THR D 17 3.02 -24.35 -9.67
N SER D 18 4.07 -24.23 -8.85
CA SER D 18 5.34 -23.65 -9.27
C SER D 18 6.06 -24.54 -10.31
N TRP D 19 5.89 -25.84 -10.17
CA TRP D 19 6.55 -26.80 -11.06
C TRP D 19 5.65 -27.16 -12.30
N ARG D 20 4.94 -26.17 -12.88
CA ARG D 20 4.38 -26.26 -14.26
C ARG D 20 5.20 -25.34 -15.15
N ASP D 21 6.06 -25.91 -15.99
CA ASP D 21 7.01 -25.10 -16.78
C ASP D 21 6.76 -25.12 -18.31
N PRO D 22 6.75 -23.91 -18.94
CA PRO D 22 7.00 -23.76 -20.37
C PRO D 22 8.46 -23.40 -20.59
N SER D 23 8.76 -22.62 -21.62
CA SER D 23 10.06 -22.00 -21.73
C SER D 23 10.01 -20.68 -20.97
N THR D 24 8.85 -20.02 -21.05
CA THR D 24 8.68 -18.63 -20.59
C THR D 24 8.56 -18.41 -19.06
N ARG D 25 8.44 -19.49 -18.29
CA ARG D 25 8.68 -19.43 -16.83
C ARG D 25 10.15 -19.78 -16.49
N GLY D 26 11.07 -19.08 -17.14
CA GLY D 26 12.44 -18.91 -16.68
C GLY D 26 12.53 -17.61 -15.90
N ALA D 27 11.42 -16.86 -15.88
CA ALA D 27 11.20 -15.69 -15.01
C ALA D 27 11.25 -16.01 -13.50
N VAL D 28 10.77 -17.20 -13.11
CA VAL D 28 10.80 -17.73 -11.75
C VAL D 28 12.23 -17.89 -11.27
N LEU D 29 13.11 -18.32 -12.17
CA LEU D 29 14.57 -18.23 -11.97
C LEU D 29 15.01 -16.81 -11.72
N SER D 30 14.69 -15.93 -12.67
CA SER D 30 15.03 -14.51 -12.62
C SER D 30 14.49 -13.84 -11.36
N LEU D 31 13.30 -14.28 -10.92
CA LEU D 31 12.64 -13.78 -9.70
C LEU D 31 13.47 -14.15 -8.49
N ALA D 32 13.81 -15.43 -8.39
CA ALA D 32 14.60 -15.94 -7.28
C ALA D 32 15.85 -15.12 -7.05
N ILE D 33 16.62 -14.88 -8.12
CA ILE D 33 17.86 -14.09 -8.07
C ILE D 33 17.64 -12.63 -7.66
N ILE D 34 16.64 -11.96 -8.25
CA ILE D 34 16.37 -10.52 -7.96
C ILE D 34 15.70 -10.29 -6.59
N VAL D 35 14.73 -11.13 -6.21
CA VAL D 35 14.17 -11.16 -4.84
C VAL D 35 15.25 -11.47 -3.80
N THR D 36 16.16 -12.39 -4.12
CA THR D 36 17.24 -12.74 -3.20
C THR D 36 18.21 -11.57 -3.01
N ALA D 37 18.65 -10.99 -4.13
CA ALA D 37 19.60 -9.88 -4.12
C ALA D 37 19.12 -8.72 -3.25
N ALA D 38 17.81 -8.42 -3.37
CA ALA D 38 17.10 -7.40 -2.58
C ALA D 38 17.03 -7.69 -1.09
N THR D 39 16.69 -8.93 -0.74
CA THR D 39 16.62 -9.39 0.64
C THR D 39 17.97 -9.26 1.34
N ILE D 40 19.06 -9.63 0.62
CA ILE D 40 20.46 -9.51 1.08
C ILE D 40 20.77 -8.03 1.29
N PHE D 41 20.34 -7.19 0.35
CA PHE D 41 20.52 -5.76 0.48
C PHE D 41 19.79 -5.18 1.69
N TYR D 42 18.53 -5.57 1.86
CA TYR D 42 17.66 -5.11 2.94
C TYR D 42 18.10 -5.60 4.29
N THR D 43 18.59 -6.82 4.34
CA THR D 43 19.14 -7.37 5.57
C THR D 43 20.38 -6.56 5.96
N LEU D 44 21.27 -6.32 5.01
CA LEU D 44 22.49 -5.58 5.29
C LEU D 44 22.33 -4.06 5.55
N ALA D 45 21.70 -3.34 4.62
CA ALA D 45 21.43 -1.89 4.79
C ALA D 45 20.49 -1.53 5.96
N GLU D 46 19.23 -2.00 5.83
CA GLU D 46 18.12 -1.67 6.71
C GLU D 46 18.15 -2.32 8.07
N LYS D 47 19.14 -3.18 8.30
CA LYS D 47 19.42 -3.78 9.61
C LYS D 47 18.46 -4.92 9.93
N TRP D 48 17.39 -5.01 9.15
CA TRP D 48 16.22 -5.86 9.35
C TRP D 48 16.53 -7.35 9.40
N SER D 49 15.66 -8.10 10.10
CA SER D 49 15.68 -9.56 10.16
C SER D 49 15.31 -10.17 8.82
N VAL D 50 16.01 -11.24 8.43
CA VAL D 50 15.99 -11.75 7.03
C VAL D 50 14.57 -11.91 6.49
N ILE D 51 13.68 -12.36 7.37
CA ILE D 51 12.27 -12.60 7.12
C ILE D 51 11.61 -11.30 6.69
N ASP D 52 11.78 -10.28 7.53
CA ASP D 52 11.21 -8.92 7.31
C ASP D 52 11.79 -8.28 6.05
N SER D 53 13.08 -8.56 5.81
CA SER D 53 13.79 -8.19 4.60
C SER D 53 13.21 -8.91 3.37
N LEU D 54 12.84 -10.18 3.54
CA LEU D 54 12.07 -10.90 2.52
C LEU D 54 10.58 -10.49 2.46
N PHE D 55 10.03 -10.00 3.58
CA PHE D 55 8.67 -9.44 3.53
C PHE D 55 8.60 -8.13 2.74
N TYR D 56 9.54 -7.22 2.96
CA TYR D 56 9.59 -5.98 2.18
C TYR D 56 9.92 -6.23 0.72
N ALA D 57 10.90 -7.11 0.46
CA ALA D 57 11.34 -7.40 -0.90
C ALA D 57 10.21 -7.88 -1.80
N VAL D 58 9.38 -8.79 -1.29
CA VAL D 58 8.17 -9.26 -1.98
C VAL D 58 7.04 -8.21 -2.01
N SER D 59 6.80 -7.52 -0.89
CA SER D 59 5.79 -6.43 -0.79
C SER D 59 5.76 -5.42 -1.96
N VAL D 60 6.86 -5.32 -2.71
CA VAL D 60 7.08 -4.25 -3.70
C VAL D 60 6.87 -4.72 -5.13
N GLY D 61 6.70 -6.03 -5.27
CA GLY D 61 6.27 -6.62 -6.52
C GLY D 61 4.77 -6.82 -6.49
N LEU D 62 4.27 -7.24 -5.33
CA LEU D 62 2.89 -7.66 -5.16
C LEU D 62 1.98 -6.62 -4.49
N PRO D 63 0.65 -6.77 -4.63
CA PRO D 63 -0.30 -5.90 -3.94
C PRO D 63 -0.41 -6.15 -2.43
N MET D 64 0.60 -6.78 -1.85
CA MET D 64 0.69 -7.11 -0.44
C MET D 64 0.48 -5.90 0.48
N GLY D 65 1.51 -5.05 0.51
CA GLY D 65 1.59 -3.93 1.46
C GLY D 65 2.62 -4.26 2.51
N ASN D 66 3.68 -3.46 2.54
CA ASN D 66 4.73 -3.54 3.55
C ASN D 66 4.19 -3.17 4.92
N GLY D 67 4.66 -3.91 5.93
CA GLY D 67 4.12 -3.83 7.28
C GLY D 67 4.24 -2.44 7.87
N PRO D 68 4.94 -2.34 9.00
CA PRO D 68 5.38 -0.99 9.37
C PRO D 68 6.68 -0.64 8.66
N LEU D 69 7.35 -1.65 8.09
CA LEU D 69 8.67 -1.54 7.42
C LEU D 69 8.65 -0.69 6.17
N SER D 70 9.72 0.10 6.03
CA SER D 70 10.07 0.89 4.82
C SER D 70 11.50 1.36 4.95
N PRO D 71 12.24 1.44 3.82
CA PRO D 71 13.53 2.11 3.64
C PRO D 71 13.61 3.45 4.30
N THR D 72 14.60 3.61 5.19
CA THR D 72 14.77 4.79 6.08
C THR D 72 16.13 5.43 5.90
N LEU D 73 16.96 4.75 5.10
CA LEU D 73 18.26 5.22 4.66
C LEU D 73 18.05 5.63 3.22
N THR D 74 18.94 6.49 2.70
CA THR D 74 18.74 7.09 1.38
C THR D 74 19.04 6.12 0.26
N LEU D 75 20.00 5.25 0.54
CA LEU D 75 20.51 4.27 -0.39
C LEU D 75 19.45 3.25 -0.59
N SER D 76 18.83 2.82 0.50
CA SER D 76 17.72 1.86 0.46
C SER D 76 16.44 2.44 -0.20
N LYS D 77 16.19 3.74 0.00
CA LYS D 77 15.27 4.49 -0.87
C LYS D 77 15.72 4.50 -2.36
N ILE D 78 17.00 4.83 -2.63
CA ILE D 78 17.59 4.85 -4.01
C ILE D 78 17.57 3.47 -4.69
N PHE D 79 17.95 2.44 -3.93
CA PHE D 79 17.83 1.04 -4.34
C PHE D 79 16.39 0.59 -4.67
N THR D 80 15.42 0.93 -3.81
CA THR D 80 14.05 0.41 -3.95
C THR D 80 13.35 0.83 -5.25
N LEU D 81 13.61 2.05 -5.71
CA LEU D 81 13.10 2.53 -7.01
C LEU D 81 13.68 1.71 -8.19
N VAL D 82 15.01 1.61 -8.23
CA VAL D 82 15.76 0.84 -9.24
C VAL D 82 15.24 -0.63 -9.32
N TYR D 83 15.06 -1.26 -8.17
CA TYR D 83 14.62 -2.64 -8.01
C TYR D 83 13.10 -2.82 -8.26
N ALA D 84 12.28 -1.84 -7.88
CA ALA D 84 10.82 -1.94 -8.14
C ALA D 84 10.44 -1.84 -9.62
N ILE D 85 11.24 -1.14 -10.43
CA ILE D 85 10.98 -1.04 -11.87
C ILE D 85 11.35 -2.33 -12.61
N LEU D 86 12.25 -3.11 -11.99
CA LEU D 86 12.79 -4.33 -12.56
C LEU D 86 12.01 -5.55 -12.19
N VAL D 87 11.68 -5.67 -10.90
CA VAL D 87 11.09 -6.86 -10.36
C VAL D 87 9.55 -6.92 -10.50
N VAL D 88 8.90 -5.76 -10.67
CA VAL D 88 7.44 -5.71 -10.71
C VAL D 88 6.84 -6.61 -11.81
N GLY D 89 7.41 -6.52 -13.02
CA GLY D 89 6.94 -7.29 -14.18
C GLY D 89 7.14 -8.79 -14.05
N LEU D 90 8.22 -9.17 -13.37
CA LEU D 90 8.53 -10.56 -13.04
C LEU D 90 7.49 -11.18 -12.12
N PHE D 91 7.05 -10.41 -11.12
CA PHE D 91 5.98 -10.82 -10.21
C PHE D 91 4.64 -10.91 -10.93
N VAL D 92 4.48 -10.08 -11.97
CA VAL D 92 3.28 -10.08 -12.83
C VAL D 92 3.14 -11.37 -13.67
N THR D 93 4.13 -11.70 -14.52
CA THR D 93 4.05 -12.85 -15.44
C THR D 93 4.01 -14.21 -14.73
N VAL D 94 4.73 -14.32 -13.61
CA VAL D 94 4.68 -15.51 -12.73
C VAL D 94 3.34 -15.57 -11.98
N GLY D 95 2.86 -14.41 -11.52
CA GLY D 95 1.56 -14.28 -10.87
C GLY D 95 0.40 -14.83 -11.68
N GLY D 96 0.48 -14.69 -13.00
CA GLY D 96 -0.55 -15.17 -13.92
C GLY D 96 -0.39 -16.63 -14.26
N SER D 97 0.84 -17.07 -14.47
CA SER D 97 1.16 -18.46 -14.76
C SER D 97 0.81 -19.39 -13.59
N LEU D 98 1.09 -18.94 -12.37
CA LEU D 98 0.66 -19.64 -11.17
C LEU D 98 -0.88 -19.56 -10.99
N ALA D 99 -1.47 -18.40 -11.29
CA ALA D 99 -2.94 -18.24 -11.32
C ALA D 99 -3.63 -19.21 -12.28
N SER D 100 -3.23 -19.16 -13.56
CA SER D 100 -3.70 -20.11 -14.58
C SER D 100 -3.53 -21.54 -14.13
N ALA D 101 -2.49 -21.76 -13.32
CA ALA D 101 -2.08 -23.07 -12.86
C ALA D 101 -2.97 -23.65 -11.78
N ILE D 102 -3.65 -22.80 -11.01
CA ILE D 102 -4.63 -23.29 -10.04
C ILE D 102 -5.90 -23.74 -10.77
N VAL D 103 -6.36 -22.92 -11.73
CA VAL D 103 -7.56 -23.22 -12.52
C VAL D 103 -7.42 -24.50 -13.37
N GLN D 104 -6.27 -24.65 -14.03
CA GLN D 104 -5.90 -25.89 -14.77
C GLN D 104 -5.86 -27.12 -13.88
N ASN D 105 -5.71 -26.90 -12.57
CA ASN D 105 -5.82 -27.94 -11.55
C ASN D 105 -7.24 -28.06 -10.96
N ASN D 106 -8.25 -28.23 -11.82
CA ASN D 106 -9.62 -28.57 -11.38
C ASN D 106 -10.27 -29.65 -12.27
N THR E 5 -26.07 1.82 3.32
CA THR E 5 -26.12 2.65 2.05
C THR E 5 -25.37 1.98 0.90
N LEU E 6 -25.10 0.68 1.05
CA LEU E 6 -24.31 -0.08 0.09
C LEU E 6 -25.10 -1.17 -0.65
N MET E 7 -26.40 -1.31 -0.35
CA MET E 7 -27.29 -2.30 -1.02
C MET E 7 -27.16 -2.25 -2.56
N PHE E 8 -26.92 -1.06 -3.12
CA PHE E 8 -26.59 -0.86 -4.56
C PHE E 8 -25.35 -1.64 -4.98
N LYS E 9 -24.24 -1.44 -4.26
CA LYS E 9 -22.96 -2.07 -4.62
C LYS E 9 -22.98 -3.58 -4.43
N ARG E 10 -23.34 -4.06 -3.24
CA ARG E 10 -23.44 -5.50 -3.00
C ARG E 10 -24.33 -6.27 -4.01
N PHE E 11 -25.56 -5.81 -4.24
CA PHE E 11 -26.45 -6.49 -5.18
C PHE E 11 -26.17 -6.16 -6.65
N PHE E 12 -26.10 -4.88 -7.00
CA PHE E 12 -25.71 -4.48 -8.36
C PHE E 12 -24.16 -4.40 -8.51
N GLY E 13 -23.45 -5.37 -7.93
CA GLY E 13 -21.98 -5.42 -8.03
C GLY E 13 -21.36 -6.82 -8.00
N ALA E 14 -20.77 -7.19 -6.86
CA ALA E 14 -20.13 -8.51 -6.74
C ALA E 14 -21.09 -9.67 -6.38
N VAL E 15 -22.38 -9.49 -6.67
CA VAL E 15 -23.36 -10.60 -6.83
C VAL E 15 -24.03 -10.55 -8.20
N ARG E 16 -24.07 -9.35 -8.81
CA ARG E 16 -24.69 -9.17 -10.12
C ARG E 16 -23.85 -9.71 -11.28
N THR E 17 -22.58 -9.34 -11.33
CA THR E 17 -21.67 -9.75 -12.43
C THR E 17 -21.11 -11.17 -12.26
N SER E 18 -21.41 -11.79 -11.12
CA SER E 18 -21.17 -13.22 -10.92
C SER E 18 -22.11 -14.04 -11.82
N TRP E 19 -23.42 -13.75 -11.76
CA TRP E 19 -24.44 -14.38 -12.61
C TRP E 19 -24.17 -13.80 -14.03
N ARG E 20 -23.00 -14.13 -14.59
CA ARG E 20 -22.59 -13.83 -15.96
C ARG E 20 -21.36 -14.69 -16.17
N ASP E 21 -21.50 -15.78 -16.92
CA ASP E 21 -20.51 -16.86 -16.92
C ASP E 21 -19.98 -17.42 -18.27
N PRO E 22 -18.64 -17.56 -18.41
CA PRO E 22 -18.01 -18.48 -19.35
C PRO E 22 -17.52 -19.73 -18.60
N SER E 23 -16.22 -20.05 -18.72
CA SER E 23 -15.62 -21.20 -18.06
C SER E 23 -14.33 -20.85 -17.27
N THR E 24 -13.51 -19.93 -17.78
CA THR E 24 -12.30 -19.50 -17.04
C THR E 24 -12.58 -18.44 -15.95
N ARG E 25 -13.85 -18.26 -15.61
CA ARG E 25 -14.26 -17.65 -14.36
C ARG E 25 -14.61 -18.75 -13.33
N GLY E 26 -14.07 -19.95 -13.54
CA GLY E 26 -13.94 -20.94 -12.46
C GLY E 26 -12.83 -20.46 -11.53
N ALA E 27 -12.17 -19.39 -11.96
CA ALA E 27 -11.25 -18.57 -11.17
C ALA E 27 -11.85 -17.86 -9.96
N VAL E 28 -13.14 -17.54 -10.02
CA VAL E 28 -13.86 -16.99 -8.86
C VAL E 28 -14.10 -18.08 -7.81
N LEU E 29 -14.29 -19.32 -8.25
CA LEU E 29 -14.23 -20.47 -7.36
C LEU E 29 -12.85 -20.67 -6.69
N SER E 30 -11.76 -20.56 -7.46
CA SER E 30 -10.36 -20.65 -6.97
C SER E 30 -10.01 -19.56 -5.96
N LEU E 31 -10.51 -18.35 -6.23
CA LEU E 31 -10.29 -17.16 -5.41
C LEU E 31 -10.96 -17.33 -4.06
N ALA E 32 -12.23 -17.77 -4.07
CA ALA E 32 -13.02 -18.16 -2.88
C ALA E 32 -12.24 -19.06 -1.96
N ILE E 33 -11.66 -20.15 -2.49
CA ILE E 33 -10.86 -21.11 -1.71
C ILE E 33 -9.49 -20.58 -1.17
N ILE E 34 -8.70 -19.87 -1.98
CA ILE E 34 -7.46 -19.18 -1.51
C ILE E 34 -7.76 -18.02 -0.53
N VAL E 35 -8.79 -17.21 -0.84
CA VAL E 35 -9.33 -16.18 0.11
C VAL E 35 -9.84 -16.73 1.41
N THR E 36 -10.58 -17.83 1.40
CA THR E 36 -11.17 -18.41 2.63
C THR E 36 -10.09 -19.08 3.49
N ALA E 37 -9.28 -19.92 2.89
CA ALA E 37 -8.12 -20.47 3.59
C ALA E 37 -7.23 -19.39 4.26
N ALA E 38 -6.92 -18.32 3.54
CA ALA E 38 -6.23 -17.13 4.06
C ALA E 38 -6.92 -16.46 5.25
N THR E 39 -8.24 -16.24 5.13
CA THR E 39 -9.09 -15.69 6.19
C THR E 39 -9.04 -16.62 7.42
N ILE E 40 -9.13 -17.94 7.20
CA ILE E 40 -9.06 -18.93 8.30
C ILE E 40 -7.70 -18.86 9.02
N PHE E 41 -6.64 -18.74 8.24
CA PHE E 41 -5.31 -18.58 8.82
C PHE E 41 -5.12 -17.26 9.63
N TYR E 42 -5.43 -16.11 9.02
CA TYR E 42 -5.26 -14.80 9.69
C TYR E 42 -6.08 -14.64 10.95
N THR E 43 -7.26 -15.23 10.99
CA THR E 43 -8.04 -15.24 12.20
C THR E 43 -7.27 -16.00 13.27
N LEU E 44 -6.72 -17.15 12.91
CA LEU E 44 -6.14 -18.05 13.92
C LEU E 44 -4.68 -17.81 14.26
N ALA E 45 -3.85 -17.53 13.25
CA ALA E 45 -2.46 -17.12 13.48
C ALA E 45 -2.35 -15.77 14.16
N GLU E 46 -3.07 -14.80 13.62
CA GLU E 46 -2.92 -13.42 13.97
C GLU E 46 -3.88 -12.88 15.01
N LYS E 47 -4.84 -13.71 15.43
CA LYS E 47 -5.82 -13.42 16.49
C LYS E 47 -6.95 -12.40 16.09
N TRP E 48 -6.89 -11.87 14.86
CA TRP E 48 -7.83 -10.87 14.34
C TRP E 48 -9.27 -11.39 14.20
N SER E 49 -10.23 -10.46 14.07
CA SER E 49 -11.63 -10.76 13.80
C SER E 49 -11.80 -11.20 12.33
N VAL E 50 -12.89 -11.91 12.00
CA VAL E 50 -13.14 -12.44 10.62
C VAL E 50 -13.09 -11.34 9.55
N ILE E 51 -13.78 -10.24 9.83
CA ILE E 51 -13.86 -9.09 8.91
C ILE E 51 -12.48 -8.45 8.68
N ASP E 52 -11.72 -8.23 9.75
CA ASP E 52 -10.33 -7.81 9.67
C ASP E 52 -9.44 -8.81 8.93
N SER E 53 -9.75 -10.10 9.12
CA SER E 53 -9.02 -11.17 8.45
C SER E 53 -9.30 -11.19 6.94
N LEU E 54 -10.59 -11.12 6.56
CA LEU E 54 -11.01 -11.04 5.14
C LEU E 54 -10.56 -9.75 4.48
N PHE E 55 -10.50 -8.64 5.24
CA PHE E 55 -9.87 -7.37 4.78
C PHE E 55 -8.43 -7.57 4.41
N TYR E 56 -7.59 -8.06 5.34
CA TYR E 56 -6.18 -8.30 5.05
C TYR E 56 -5.93 -9.31 3.95
N ALA E 57 -6.73 -10.37 3.90
CA ALA E 57 -6.64 -11.38 2.83
C ALA E 57 -6.70 -10.74 1.46
N VAL E 58 -7.77 -9.97 1.24
CA VAL E 58 -8.05 -9.32 -0.04
C VAL E 58 -6.99 -8.20 -0.30
N SER E 59 -6.50 -7.60 0.78
CA SER E 59 -5.59 -6.45 0.71
C SER E 59 -4.23 -6.76 0.05
N VAL E 60 -3.79 -8.04 0.10
CA VAL E 60 -2.48 -8.53 -0.43
C VAL E 60 -2.51 -8.95 -1.91
N GLY E 61 -3.69 -8.84 -2.52
CA GLY E 61 -3.84 -9.29 -3.88
C GLY E 61 -4.52 -8.27 -4.71
N LEU E 62 -4.90 -7.16 -4.08
CA LEU E 62 -5.46 -5.96 -4.74
C LEU E 62 -4.72 -4.68 -4.28
N PRO E 63 -4.83 -3.57 -5.05
CA PRO E 63 -4.18 -2.30 -4.66
C PRO E 63 -4.79 -1.58 -3.44
N MET E 64 -5.83 -2.18 -2.86
CA MET E 64 -6.58 -1.70 -1.70
C MET E 64 -5.78 -0.98 -0.60
N GLY E 65 -4.87 -1.71 0.01
CA GLY E 65 -4.10 -1.18 1.13
C GLY E 65 -4.55 -1.65 2.50
N ASN E 66 -3.69 -2.45 3.15
CA ASN E 66 -3.85 -2.87 4.52
C ASN E 66 -3.89 -1.71 5.48
N GLY E 67 -4.83 -1.72 6.42
CA GLY E 67 -5.06 -0.55 7.24
C GLY E 67 -4.03 -0.46 8.34
N PRO E 68 -4.47 -0.67 9.59
CA PRO E 68 -3.49 -0.96 10.63
C PRO E 68 -2.90 -2.36 10.40
N LEU E 69 -3.74 -3.29 9.92
CA LEU E 69 -3.49 -4.74 9.90
C LEU E 69 -2.37 -5.15 8.99
N SER E 70 -1.44 -5.94 9.54
CA SER E 70 -0.23 -6.44 8.90
C SER E 70 0.28 -7.57 9.78
N PRO E 71 1.02 -8.54 9.22
CA PRO E 71 1.40 -9.67 10.09
C PRO E 71 2.50 -9.30 11.09
N THR E 72 2.58 -10.04 12.19
CA THR E 72 3.53 -9.74 13.26
C THR E 72 4.45 -10.91 13.60
N LEU E 73 4.12 -12.07 13.05
CA LEU E 73 4.78 -13.32 13.38
C LEU E 73 5.37 -13.80 12.10
N THR E 74 6.45 -14.59 12.21
CA THR E 74 7.20 -15.16 11.08
C THR E 74 6.30 -16.06 10.25
N LEU E 75 5.51 -16.88 10.92
CA LEU E 75 4.60 -17.81 10.29
C LEU E 75 3.56 -17.14 9.38
N SER E 76 2.95 -16.06 9.88
CA SER E 76 1.95 -15.31 9.12
C SER E 76 2.58 -14.48 8.05
N LYS E 77 3.72 -13.86 8.37
CA LYS E 77 4.58 -13.15 7.43
C LYS E 77 4.99 -14.01 6.24
N ILE E 78 5.55 -15.20 6.45
CA ILE E 78 5.85 -16.10 5.32
C ILE E 78 4.59 -16.56 4.56
N PHE E 79 3.48 -16.82 5.28
CA PHE E 79 2.26 -17.37 4.68
C PHE E 79 1.72 -16.36 3.70
N THR E 80 1.76 -15.10 4.12
CA THR E 80 1.37 -13.95 3.31
C THR E 80 2.16 -13.93 2.04
N LEU E 81 3.46 -14.26 2.08
CA LEU E 81 4.30 -14.38 0.87
C LEU E 81 3.86 -15.48 -0.11
N VAL E 82 3.65 -16.68 0.42
CA VAL E 82 3.26 -17.87 -0.33
C VAL E 82 1.86 -17.65 -0.93
N TYR E 83 0.92 -17.20 -0.08
CA TYR E 83 -0.43 -16.84 -0.47
C TYR E 83 -0.47 -15.68 -1.49
N ALA E 84 0.37 -14.68 -1.27
CA ALA E 84 0.45 -13.48 -2.07
C ALA E 84 0.75 -13.67 -3.55
N ILE E 85 1.60 -14.64 -3.87
CA ILE E 85 1.90 -14.97 -5.26
C ILE E 85 0.77 -15.80 -5.95
N LEU E 86 0.04 -16.60 -5.15
CA LEU E 86 -1.03 -17.46 -5.65
C LEU E 86 -2.31 -16.71 -5.90
N VAL E 87 -2.61 -15.74 -5.05
CA VAL E 87 -3.86 -14.98 -5.20
C VAL E 87 -3.76 -13.81 -6.20
N VAL E 88 -2.58 -13.23 -6.36
CA VAL E 88 -2.40 -12.06 -7.19
C VAL E 88 -3.05 -12.22 -8.58
N GLY E 89 -3.00 -13.45 -9.11
CA GLY E 89 -3.56 -13.76 -10.42
C GLY E 89 -5.07 -13.91 -10.43
N LEU E 90 -5.58 -14.77 -9.54
CA LEU E 90 -7.03 -15.03 -9.38
C LEU E 90 -7.81 -13.77 -9.15
N PHE E 91 -7.22 -12.81 -8.42
CA PHE E 91 -7.78 -11.46 -8.35
C PHE E 91 -7.73 -10.73 -9.71
N VAL E 92 -6.58 -10.73 -10.38
CA VAL E 92 -6.37 -9.93 -11.61
C VAL E 92 -7.38 -10.25 -12.70
N THR E 93 -7.66 -11.53 -12.91
CA THR E 93 -8.63 -11.92 -13.94
C THR E 93 -10.05 -11.79 -13.42
N VAL E 94 -10.26 -11.94 -12.10
CA VAL E 94 -11.63 -11.77 -11.56
C VAL E 94 -12.04 -10.28 -11.66
N GLY E 95 -11.07 -9.39 -11.44
CA GLY E 95 -11.22 -7.94 -11.66
C GLY E 95 -11.46 -7.52 -13.09
N GLY E 96 -10.80 -8.18 -14.03
CA GLY E 96 -10.97 -7.94 -15.48
C GLY E 96 -12.29 -8.42 -16.07
N SER E 97 -12.65 -9.68 -15.81
CA SER E 97 -13.96 -10.28 -16.15
C SER E 97 -15.10 -9.48 -15.55
N LEU E 98 -14.93 -9.13 -14.27
CA LEU E 98 -15.90 -8.35 -13.51
C LEU E 98 -16.02 -6.93 -14.03
N ALA E 99 -14.90 -6.34 -14.47
CA ALA E 99 -14.89 -4.99 -15.05
C ALA E 99 -15.59 -4.87 -16.42
N SER E 100 -15.29 -5.81 -17.33
CA SER E 100 -15.96 -5.88 -18.63
C SER E 100 -17.48 -6.05 -18.48
N ALA E 101 -17.87 -6.91 -17.53
CA ALA E 101 -19.27 -7.20 -17.27
C ALA E 101 -20.08 -6.02 -16.69
N ILE E 102 -19.36 -4.99 -16.26
CA ILE E 102 -19.95 -3.69 -15.90
C ILE E 102 -20.28 -2.90 -17.17
N VAL E 103 -19.33 -2.85 -18.12
CA VAL E 103 -19.49 -2.10 -19.38
C VAL E 103 -20.45 -2.83 -20.35
N GLN E 104 -20.47 -4.17 -20.26
CA GLN E 104 -21.47 -4.99 -20.93
C GLN E 104 -22.88 -4.86 -20.32
N ASN E 105 -22.98 -4.36 -19.09
CA ASN E 105 -24.27 -4.06 -18.47
C ASN E 105 -24.66 -2.60 -18.60
N ASN E 106 -24.17 -1.96 -19.66
CA ASN E 106 -24.47 -0.56 -19.99
C ASN E 106 -24.44 -0.32 -21.50
N THR F 5 -7.85 -26.14 21.66
CA THR F 5 -8.55 -27.07 22.59
C THR F 5 -10.03 -26.66 22.86
N LEU F 6 -10.54 -25.72 22.05
CA LEU F 6 -11.92 -25.24 22.17
C LEU F 6 -13.00 -26.30 21.92
N MET F 7 -12.68 -27.31 21.11
CA MET F 7 -13.66 -28.28 20.62
C MET F 7 -14.41 -29.07 21.71
N PHE F 8 -13.73 -29.38 22.82
CA PHE F 8 -14.35 -30.05 23.99
C PHE F 8 -15.62 -29.33 24.42
N LYS F 9 -15.53 -28.00 24.59
CA LYS F 9 -16.62 -27.17 25.09
C LYS F 9 -17.83 -27.15 24.15
N ARG F 10 -17.57 -27.06 22.85
CA ARG F 10 -18.64 -26.96 21.85
C ARG F 10 -19.38 -28.28 21.63
N PHE F 11 -18.62 -29.39 21.66
CA PHE F 11 -19.13 -30.76 21.58
C PHE F 11 -19.70 -31.25 22.93
N PHE F 12 -18.86 -31.40 23.96
CA PHE F 12 -19.33 -31.56 25.35
C PHE F 12 -19.62 -30.08 25.71
N GLY F 13 -20.87 -29.66 25.57
CA GLY F 13 -21.27 -28.27 25.82
C GLY F 13 -22.39 -27.69 24.99
N ALA F 14 -22.14 -26.55 24.34
CA ALA F 14 -23.21 -25.73 23.70
C ALA F 14 -24.07 -26.53 22.75
N VAL F 15 -23.42 -27.33 21.89
CA VAL F 15 -24.11 -28.20 20.94
C VAL F 15 -24.73 -29.43 21.65
N ARG F 16 -24.07 -29.92 22.71
CA ARG F 16 -24.50 -31.18 23.40
C ARG F 16 -25.72 -31.09 24.32
N THR F 17 -25.71 -30.14 25.24
CA THR F 17 -26.79 -30.05 26.21
C THR F 17 -27.91 -29.13 25.72
N SER F 18 -27.72 -28.60 24.51
CA SER F 18 -28.64 -27.63 23.89
C SER F 18 -30.02 -28.21 23.61
N TRP F 19 -30.07 -29.24 22.75
CA TRP F 19 -31.32 -29.92 22.46
C TRP F 19 -31.63 -31.07 23.42
N ARG F 20 -32.56 -30.79 24.32
CA ARG F 20 -33.04 -31.71 25.32
C ARG F 20 -34.36 -31.09 25.77
N ASP F 21 -35.35 -31.13 24.88
CA ASP F 21 -36.48 -30.18 24.87
C ASP F 21 -37.79 -30.69 25.51
N PRO F 22 -38.17 -30.09 26.66
CA PRO F 22 -39.58 -30.05 27.04
C PRO F 22 -40.23 -28.78 26.46
N SER F 23 -41.17 -28.20 27.19
CA SER F 23 -41.97 -27.06 26.68
C SER F 23 -41.30 -25.69 26.79
N THR F 24 -40.93 -25.28 28.02
CA THR F 24 -40.52 -23.89 28.28
C THR F 24 -39.11 -23.52 27.78
N ARG F 25 -38.33 -24.53 27.36
CA ARG F 25 -37.04 -24.32 26.66
C ARG F 25 -37.19 -23.44 25.40
N GLY F 26 -38.41 -22.98 25.13
CA GLY F 26 -38.71 -22.03 24.06
C GLY F 26 -38.04 -20.69 24.29
N ALA F 27 -37.54 -20.49 25.51
CA ALA F 27 -36.69 -19.35 25.87
C ALA F 27 -35.38 -19.26 25.06
N VAL F 28 -34.80 -20.40 24.69
CA VAL F 28 -33.53 -20.46 23.95
C VAL F 28 -33.63 -19.95 22.49
N LEU F 29 -34.84 -20.02 21.89
CA LEU F 29 -35.09 -19.40 20.57
C LEU F 29 -35.23 -17.89 20.72
N SER F 30 -35.87 -17.46 21.81
CA SER F 30 -36.12 -16.05 22.12
C SER F 30 -34.81 -15.32 22.45
N LEU F 31 -33.91 -16.02 23.13
CA LEU F 31 -32.56 -15.54 23.43
C LEU F 31 -31.82 -15.29 22.10
N ALA F 32 -31.82 -16.29 21.23
CA ALA F 32 -31.14 -16.25 19.94
C ALA F 32 -31.60 -15.10 19.06
N ILE F 33 -32.90 -14.81 19.03
CA ILE F 33 -33.44 -13.67 18.26
C ILE F 33 -33.11 -12.26 18.83
N ILE F 34 -33.22 -12.10 20.16
CA ILE F 34 -32.81 -10.85 20.82
C ILE F 34 -31.30 -10.63 20.75
N VAL F 35 -30.51 -11.69 21.00
CA VAL F 35 -29.03 -11.62 20.92
C VAL F 35 -28.56 -11.27 19.49
N THR F 36 -29.19 -11.90 18.49
CA THR F 36 -28.99 -11.56 17.08
C THR F 36 -29.32 -10.09 16.82
N ALA F 37 -30.44 -9.64 17.37
CA ALA F 37 -30.94 -8.30 17.11
C ALA F 37 -29.88 -7.24 17.47
N ALA F 38 -29.34 -7.41 18.68
CA ALA F 38 -28.36 -6.55 19.27
C ALA F 38 -27.03 -6.65 18.54
N THR F 39 -26.67 -7.85 18.11
CA THR F 39 -25.44 -8.11 17.32
C THR F 39 -25.40 -7.32 16.01
N ILE F 40 -26.52 -7.24 15.30
CA ILE F 40 -26.65 -6.34 14.16
C ILE F 40 -26.51 -4.87 14.63
N PHE F 41 -27.25 -4.52 15.67
CA PHE F 41 -27.27 -3.15 16.19
C PHE F 41 -25.89 -2.60 16.47
N TYR F 42 -25.06 -3.40 17.17
CA TYR F 42 -23.75 -2.97 17.60
C TYR F 42 -22.75 -2.92 16.45
N THR F 43 -22.84 -3.89 15.54
CA THR F 43 -22.04 -3.89 14.34
C THR F 43 -22.34 -2.62 13.55
N LEU F 44 -23.63 -2.30 13.46
CA LEU F 44 -24.07 -1.12 12.75
C LEU F 44 -23.91 0.21 13.57
N ALA F 45 -24.25 0.18 14.85
CA ALA F 45 -24.22 1.39 15.68
C ALA F 45 -22.77 1.78 16.02
N GLU F 46 -22.09 0.81 16.65
CA GLU F 46 -20.82 0.98 17.31
C GLU F 46 -19.65 0.65 16.39
N LYS F 47 -19.99 0.12 15.20
CA LYS F 47 -19.07 0.06 14.07
C LYS F 47 -18.21 -1.19 14.17
N TRP F 48 -18.40 -1.94 15.26
CA TRP F 48 -17.52 -3.02 15.72
C TRP F 48 -17.72 -4.23 14.86
N SER F 49 -16.80 -5.17 14.94
CA SER F 49 -16.89 -6.44 14.25
C SER F 49 -17.97 -7.26 14.91
N VAL F 50 -18.59 -8.16 14.12
CA VAL F 50 -19.62 -9.13 14.55
C VAL F 50 -19.23 -9.86 15.85
N ILE F 51 -17.95 -10.26 15.94
CA ILE F 51 -17.34 -11.00 17.04
C ILE F 51 -17.43 -10.24 18.35
N ASP F 52 -16.85 -9.04 18.35
CA ASP F 52 -16.82 -8.14 19.49
C ASP F 52 -18.24 -7.66 19.77
N SER F 53 -19.00 -7.40 18.70
CA SER F 53 -20.42 -7.08 18.79
C SER F 53 -21.23 -8.17 19.51
N LEU F 54 -21.13 -9.40 19.02
CA LEU F 54 -21.73 -10.55 19.70
C LEU F 54 -21.18 -10.70 21.12
N PHE F 55 -19.89 -10.41 21.27
CA PHE F 55 -19.22 -10.43 22.57
C PHE F 55 -19.91 -9.48 23.52
N TYR F 56 -20.07 -8.20 23.13
CA TYR F 56 -20.76 -7.22 23.97
C TYR F 56 -22.24 -7.57 24.20
N ALA F 57 -22.86 -8.22 23.25
CA ALA F 57 -24.28 -8.60 23.36
C ALA F 57 -24.50 -9.66 24.46
N VAL F 58 -23.73 -10.73 24.44
CA VAL F 58 -23.81 -11.76 25.49
C VAL F 58 -23.17 -11.32 26.81
N SER F 59 -22.31 -10.30 26.74
CA SER F 59 -21.59 -9.73 27.89
C SER F 59 -22.52 -9.11 28.94
N VAL F 60 -23.67 -8.61 28.46
CA VAL F 60 -24.52 -7.71 29.24
C VAL F 60 -25.60 -8.41 30.06
N GLY F 61 -25.93 -9.64 29.69
CA GLY F 61 -26.96 -10.39 30.42
C GLY F 61 -26.40 -11.51 31.26
N LEU F 62 -25.07 -11.65 31.21
CA LEU F 62 -24.31 -12.69 31.87
C LEU F 62 -23.22 -12.05 32.71
N PRO F 63 -22.69 -12.76 33.75
CA PRO F 63 -21.65 -12.12 34.56
C PRO F 63 -20.27 -11.93 33.88
N MET F 64 -20.15 -12.32 32.60
CA MET F 64 -18.88 -12.38 31.86
C MET F 64 -17.91 -11.20 32.05
N GLY F 65 -18.40 -10.00 31.72
CA GLY F 65 -17.50 -8.86 31.59
C GLY F 65 -17.21 -8.60 30.14
N ASN F 66 -17.65 -7.43 29.68
CA ASN F 66 -17.21 -6.80 28.44
C ASN F 66 -15.75 -6.41 28.55
N GLY F 67 -15.06 -6.40 27.42
CA GLY F 67 -13.64 -6.12 27.42
C GLY F 67 -13.46 -4.64 27.58
N PRO F 68 -12.71 -4.01 26.67
CA PRO F 68 -12.77 -2.56 26.66
C PRO F 68 -14.01 -2.09 25.89
N LEU F 69 -14.85 -3.04 25.46
CA LEU F 69 -16.10 -2.79 24.73
C LEU F 69 -17.21 -2.24 25.62
N SER F 70 -17.86 -1.19 25.15
CA SER F 70 -18.98 -0.51 25.81
C SER F 70 -19.44 0.62 24.85
N PRO F 71 -20.77 0.85 24.77
CA PRO F 71 -21.27 1.87 23.82
C PRO F 71 -20.70 3.30 24.02
N THR F 72 -20.44 4.00 22.93
CA THR F 72 -19.97 5.41 22.95
C THR F 72 -21.05 6.39 22.50
N LEU F 73 -22.07 5.87 21.83
CA LEU F 73 -23.15 6.62 21.22
C LEU F 73 -24.34 6.64 22.18
N THR F 74 -25.14 7.70 22.13
CA THR F 74 -26.31 7.90 22.99
C THR F 74 -27.44 6.96 22.66
N LEU F 75 -27.72 6.84 21.36
CA LEU F 75 -28.61 5.85 20.78
C LEU F 75 -28.20 4.44 21.23
N SER F 76 -26.89 4.17 21.22
CA SER F 76 -26.35 2.86 21.58
C SER F 76 -26.33 2.62 23.05
N LYS F 77 -26.05 3.69 23.80
CA LYS F 77 -26.02 3.65 25.26
C LYS F 77 -27.41 3.41 25.77
N ILE F 78 -28.41 4.15 25.21
CA ILE F 78 -29.88 3.91 25.35
C ILE F 78 -30.26 2.44 25.11
N PHE F 79 -30.10 1.99 23.87
CA PHE F 79 -30.45 0.64 23.45
C PHE F 79 -29.98 -0.43 24.43
N THR F 80 -28.77 -0.25 24.91
CA THR F 80 -28.13 -1.16 25.84
C THR F 80 -29.00 -1.35 27.07
N LEU F 81 -29.63 -0.27 27.54
CA LEU F 81 -30.45 -0.33 28.76
C LEU F 81 -31.79 -1.09 28.47
N VAL F 82 -32.36 -0.80 27.31
CA VAL F 82 -33.62 -1.35 26.87
C VAL F 82 -33.49 -2.87 26.64
N TYR F 83 -32.34 -3.23 26.11
CA TYR F 83 -32.04 -4.60 25.79
C TYR F 83 -31.57 -5.35 27.04
N ALA F 84 -30.96 -4.62 27.97
CA ALA F 84 -30.39 -5.22 29.17
C ALA F 84 -31.47 -5.69 30.11
N ILE F 85 -32.54 -4.91 30.23
CA ILE F 85 -33.68 -5.28 31.09
C ILE F 85 -34.48 -6.51 30.60
N LEU F 86 -34.56 -6.68 29.27
CA LEU F 86 -35.23 -7.84 28.68
C LEU F 86 -34.40 -9.14 28.72
N VAL F 87 -33.19 -9.09 28.18
CA VAL F 87 -32.36 -10.28 27.94
C VAL F 87 -31.89 -11.04 29.20
N VAL F 88 -31.69 -10.30 30.30
CA VAL F 88 -31.05 -10.83 31.50
C VAL F 88 -31.76 -12.04 32.09
N GLY F 89 -33.10 -11.98 32.16
CA GLY F 89 -33.94 -13.07 32.69
C GLY F 89 -33.93 -14.35 31.87
N LEU F 90 -33.96 -14.17 30.54
CA LEU F 90 -33.83 -15.22 29.54
C LEU F 90 -32.47 -15.90 29.64
N PHE F 91 -31.42 -15.10 29.79
CA PHE F 91 -30.06 -15.62 30.08
C PHE F 91 -30.02 -16.54 31.34
N VAL F 92 -30.78 -16.18 32.37
CA VAL F 92 -30.83 -16.94 33.63
C VAL F 92 -31.57 -18.30 33.48
N THR F 93 -32.80 -18.29 32.97
CA THR F 93 -33.57 -19.53 32.73
C THR F 93 -32.94 -20.50 31.68
N VAL F 94 -32.26 -19.95 30.68
CA VAL F 94 -31.50 -20.74 29.69
C VAL F 94 -30.24 -21.35 30.32
N GLY F 95 -29.47 -20.53 31.04
CA GLY F 95 -28.21 -20.94 31.66
C GLY F 95 -28.35 -21.94 32.78
N GLY F 96 -29.43 -21.81 33.57
CA GLY F 96 -29.79 -22.78 34.62
C GLY F 96 -30.20 -24.12 34.05
N SER F 97 -31.11 -24.11 33.07
CA SER F 97 -31.53 -25.32 32.36
C SER F 97 -30.38 -26.12 31.75
N LEU F 98 -29.47 -25.41 31.05
CA LEU F 98 -28.28 -26.02 30.44
C LEU F 98 -27.28 -26.54 31.45
N ALA F 99 -27.10 -25.81 32.56
CA ALA F 99 -26.22 -26.23 33.66
C ALA F 99 -26.78 -27.46 34.38
N SER F 100 -28.12 -27.48 34.53
CA SER F 100 -28.89 -28.63 35.04
C SER F 100 -28.81 -29.83 34.10
N ALA F 101 -28.74 -29.55 32.81
CA ALA F 101 -28.47 -30.55 31.78
C ALA F 101 -27.08 -31.21 31.92
N ILE F 102 -26.09 -30.40 32.32
CA ILE F 102 -24.71 -30.88 32.56
C ILE F 102 -24.63 -31.92 33.71
N VAL F 103 -25.29 -31.64 34.84
CA VAL F 103 -25.28 -32.54 36.00
C VAL F 103 -26.08 -33.84 35.75
N GLN F 104 -27.28 -33.71 35.15
CA GLN F 104 -28.06 -34.87 34.65
C GLN F 104 -27.32 -35.74 33.65
N ASN F 105 -26.23 -35.22 33.09
CA ASN F 105 -25.33 -35.97 32.21
C ASN F 105 -24.04 -36.42 32.91
N ASN F 106 -24.11 -36.57 34.24
CA ASN F 106 -22.98 -37.08 35.06
C ASN F 106 -23.38 -38.26 35.93
CA CA G . -3.56 1.90 -3.34
CA CA H . 2.49 -3.92 -2.09
CA CA I . 36.33 35.26 12.15
C1 DMU J . 11.50 -29.40 -20.57
C2 DMU J . 12.06 -29.26 -19.18
C3 DMU J . 10.98 -29.58 -18.20
C4 DMU J . 10.51 -31.02 -18.39
O5 DMU J . 10.25 -31.33 -19.76
C6 DMU J . 11.05 -30.82 -20.78
O7 DMU J . 11.44 -29.35 -16.88
O16 DMU J . 10.57 -31.17 -22.05
C18 DMU J . 11.47 -31.73 -23.03
C19 DMU J . 11.73 -30.68 -24.14
C22 DMU J . 12.92 -31.06 -25.03
C25 DMU J . 13.40 -29.82 -25.78
C28 DMU J . 14.86 -29.99 -26.21
C31 DMU J . 15.00 -31.18 -27.18
C34 DMU J . 16.48 -31.37 -27.61
C37 DMU J . 16.74 -30.72 -28.98
C40 DMU J . 17.63 -31.63 -29.85
C43 DMU J . 18.05 -30.86 -31.08
O49 DMU J . 12.51 -29.06 -21.50
O55 DMU J . 12.53 -27.95 -18.94
C57 DMU J . 9.25 -31.29 -17.57
O61 DMU J . 8.81 -30.11 -16.93
C5 DMU J . 12.20 -30.87 -15.22
C7 DMU J . 13.15 -30.81 -14.07
C8 DMU J . 14.51 -30.39 -14.55
C9 DMU J . 14.32 -29.11 -15.28
O1 DMU J . 13.72 -29.42 -16.51
C10 DMU J . 12.53 -30.18 -16.52
O2 DMU J . 15.29 -30.13 -13.43
O3 DMU J . 10.90 -30.68 -14.79
O4 DMU J . 13.27 -32.10 -13.53
C11 DMU J . 15.66 -28.45 -15.53
O6 DMU J . 16.66 -29.44 -15.49
CA CA K . -0.61 -0.23 2.15
C1 DMU L . -23.10 -24.47 -16.01
C2 DMU L . -24.12 -24.19 -14.95
C3 DMU L . -23.37 -23.72 -13.74
C4 DMU L . -22.48 -22.53 -14.06
O5 DMU L . -22.34 -22.18 -15.44
C6 DMU L . -22.51 -23.15 -16.42
O7 DMU L . -24.31 -23.27 -12.78
O16 DMU L . -21.42 -23.28 -17.31
C18 DMU L . -21.55 -22.70 -18.64
C19 DMU L . -22.81 -23.21 -19.38
C22 DMU L . -22.93 -22.47 -20.73
C25 DMU L . -24.41 -22.21 -21.07
C28 DMU L . -24.54 -21.62 -22.46
C31 DMU L . -25.51 -22.45 -23.29
C34 DMU L . -24.97 -23.88 -23.46
C37 DMU L . -25.86 -24.61 -24.49
C40 DMU L . -25.46 -24.18 -25.90
C43 DMU L . -26.01 -25.21 -26.85
O49 DMU L . -23.75 -25.10 -17.09
O55 DMU L . -24.85 -25.38 -14.67
C57 DMU L . -21.14 -22.75 -13.39
O61 DMU L . -20.18 -23.01 -14.41
C5 DMU L . -23.87 -24.05 -10.52
C7 DMU L . -23.97 -25.25 -9.66
C8 DMU L . -25.17 -26.07 -10.09
C9 DMU L . -25.04 -26.47 -11.54
O1 DMU L . -24.37 -25.49 -12.22
C10 DMU L . -24.67 -24.20 -11.78
O2 DMU L . -25.17 -27.25 -9.35
O3 DMU L . -22.55 -23.77 -10.81
O4 DMU L . -24.11 -24.84 -8.33
C11 DMU L . -26.38 -26.61 -12.20
O6 DMU L . -27.20 -27.31 -11.29
C1 DMU M . -31.99 -25.85 -16.07
C2 DMU M . -32.73 -24.79 -16.85
C3 DMU M . -33.99 -25.37 -17.41
C4 DMU M . -34.83 -25.66 -16.19
O5 DMU M . -34.21 -26.63 -15.37
C6 DMU M . -32.86 -26.47 -15.01
O7 DMU M . -34.65 -24.45 -18.27
O16 DMU M . -32.28 -27.65 -14.55
C18 DMU M . -33.17 -28.65 -14.02
C19 DMU M . -33.21 -29.80 -15.04
C22 DMU M . -33.07 -31.14 -14.31
C25 DMU M . -31.71 -31.23 -13.61
C28 DMU M . -31.64 -32.52 -12.78
C31 DMU M . -32.83 -32.60 -11.82
C34 DMU M . -32.40 -32.31 -10.38
C37 DMU M . -32.38 -30.80 -10.16
C40 DMU M . -31.52 -30.44 -8.95
C43 DMU M . -31.07 -28.98 -9.07
O49 DMU M . -30.84 -25.30 -15.46
O55 DMU M . -31.89 -24.30 -17.88
C57 DMU M . -36.23 -26.11 -16.55
O61 DMU M . -36.83 -25.11 -17.35
C5 DMU M . -35.36 -25.41 -20.36
C7 DMU M . -34.78 -26.37 -21.35
C8 DMU M . -33.60 -25.77 -22.05
C9 DMU M . -32.59 -25.23 -21.07
O1 DMU M . -33.15 -25.25 -19.80
C10 DMU M . -34.36 -24.57 -19.65
O2 DMU M . -33.00 -26.81 -22.74
O3 DMU M . -36.34 -26.03 -19.61
O4 DMU M . -35.73 -26.73 -22.32
C11 DMU M . -32.20 -23.80 -21.38
O6 DMU M . -32.48 -23.61 -22.74
CA CA N . -18.91 -6.67 35.54
CA CA O . -21.02 -8.96 31.99
CA CA P . -21.18 -8.36 36.58
CA CA Q . -21.11 4.63 28.74
#